data_6E67
#
_entry.id   6E67
#
_cell.length_a   83.010
_cell.length_b   377.440
_cell.length_c   45.590
_cell.angle_alpha   90.00
_cell.angle_beta   90.00
_cell.angle_gamma   90.00
#
_symmetry.space_group_name_H-M   'P 21 21 2'
#
loop_
_entity.id
_entity.type
_entity.pdbx_description
1 polymer 'Beta-2 adrenergic receptor,Endolysin,Guanine nucleotide-binding protein G(s) subunit alpha isoforms short,Beta-2 adrenergic receptor chimera'
2 non-polymer 8-[(1R)-2-{[1,1-dimethyl-2-(2-methylphenyl)ethyl]amino}-1-hydroxyethyl]-5-hydroxy-2H-1,4-benzoxazin-3(4H)-one
#
_entity_poly.entity_id   1
_entity_poly.type   'polypeptide(L)'
_entity_poly.pdbx_seq_one_letter_code
;MKTIIALSYIFCLVFADYKDDDDAMGQPGNGSAFLLAPNRSHAPDHDVTQQRDEVWVVGMGIVMSLIVLAIVFGNVLVIT
AIAKFERLQTVTNYFITSLACADLVMGLAVVPFGAAHILTKTWTFGNFWCEFWTSIDVLCVTASIETLCVIAVDRYFAIT
SPFKYQSLLTKNKARVIILMVWIVSGLTSFLPIQMHWYRATHQEAINCYAEETCCDFFTNQAYAIASSIVSFYVPLVIMV
FVYSRVFQECKRQLQKNIFEMLRIDEGLRLKIYKDTEGYYTIGIGHLLTKSPSLNAAKSELDKAIGRNTNGVITKDEAEK
LFNQDVDAAVRGILRNAKLKPVYDSLDAVRRAALINMVFQMGETGVAGFTNSLRMLQQKRWDEAAVNLAKSRWYNQTPNR
AKRVITTFRTGTWDAYDIIQRMHLRQYELCGTGEHKALKTLGIIMGTFTLCWLPFFIVNIVHVIQDNLIRKEVYILLNWI
GYVNSGFNPLIYCRSPDFRIAFQELLCLRRSSLKAYGNGYSSNGNTGEQSG
;
_entity_poly.pdbx_strand_id   A,B
#
# COMPACT_ATOMS: atom_id res chain seq x y z
N ASP A 53 -8.42 19.55 -4.58
CA ASP A 53 -8.88 18.67 -3.52
C ASP A 53 -7.70 18.06 -2.77
N GLU A 54 -7.83 17.95 -1.45
CA GLU A 54 -6.74 17.41 -0.64
C GLU A 54 -6.53 15.93 -0.91
N VAL A 55 -7.61 15.20 -1.22
CA VAL A 55 -7.52 13.74 -1.35
C VAL A 55 -6.59 13.36 -2.50
N TRP A 56 -6.76 14.00 -3.66
CA TRP A 56 -5.98 13.61 -4.82
C TRP A 56 -4.50 13.87 -4.64
N VAL A 57 -4.15 14.98 -3.98
CA VAL A 57 -2.75 15.21 -3.61
C VAL A 57 -2.25 14.08 -2.72
N VAL A 58 -3.01 13.78 -1.66
CA VAL A 58 -2.66 12.68 -0.77
C VAL A 58 -2.52 11.38 -1.55
N GLY A 59 -3.47 11.13 -2.45
CA GLY A 59 -3.38 9.94 -3.28
C GLY A 59 -2.09 9.90 -4.09
N MET A 60 -1.77 11.01 -4.77
CA MET A 60 -0.49 11.10 -5.46
C MET A 60 0.67 11.05 -4.48
N GLY A 61 0.52 11.71 -3.33
CA GLY A 61 1.58 11.70 -2.33
C GLY A 61 1.90 10.30 -1.83
N ILE A 62 0.87 9.48 -1.60
CA ILE A 62 1.11 8.15 -1.08
C ILE A 62 1.47 7.17 -2.19
N VAL A 63 0.92 7.35 -3.39
CA VAL A 63 1.22 6.43 -4.49
C VAL A 63 2.62 6.67 -5.02
N MET A 64 2.97 7.93 -5.28
CA MET A 64 4.30 8.25 -5.79
C MET A 64 5.38 7.92 -4.77
N SER A 65 5.11 8.18 -3.49
CA SER A 65 6.08 7.82 -2.45
C SER A 65 6.20 6.30 -2.33
N LEU A 66 5.10 5.58 -2.53
CA LEU A 66 5.17 4.12 -2.54
C LEU A 66 6.09 3.63 -3.65
N ILE A 67 5.98 4.21 -4.84
CA ILE A 67 6.85 3.83 -5.95
C ILE A 67 8.30 4.17 -5.63
N VAL A 68 8.53 5.34 -5.04
CA VAL A 68 9.89 5.70 -4.64
C VAL A 68 10.43 4.73 -3.61
N LEU A 69 9.65 4.45 -2.57
CA LEU A 69 10.10 3.56 -1.51
C LEU A 69 10.28 2.14 -2.02
N ALA A 70 9.38 1.67 -2.88
CA ALA A 70 9.49 0.30 -3.39
C ALA A 70 10.68 0.15 -4.33
N ILE A 71 10.94 1.16 -5.16
CA ILE A 71 12.08 1.09 -6.07
C ILE A 71 13.39 1.12 -5.29
N VAL A 72 13.49 2.00 -4.30
CA VAL A 72 14.74 2.14 -3.54
C VAL A 72 15.00 0.89 -2.72
N PHE A 73 13.99 0.43 -1.97
CA PHE A 73 14.20 -0.73 -1.10
C PHE A 73 14.51 -1.98 -1.90
N GLY A 74 13.86 -2.15 -3.06
CA GLY A 74 14.13 -3.32 -3.89
C GLY A 74 15.55 -3.32 -4.43
N ASN A 75 16.02 -2.17 -4.92
CA ASN A 75 17.36 -2.10 -5.50
C ASN A 75 18.43 -2.16 -4.41
N VAL A 76 18.20 -1.49 -3.28
CA VAL A 76 19.16 -1.51 -2.19
C VAL A 76 19.34 -2.95 -1.69
N LEU A 77 18.25 -3.71 -1.61
CA LEU A 77 18.36 -5.09 -1.16
C LEU A 77 19.14 -5.94 -2.15
N VAL A 78 18.92 -5.73 -3.45
CA VAL A 78 19.65 -6.49 -4.46
C VAL A 78 21.13 -6.13 -4.45
N ILE A 79 21.45 -4.84 -4.34
CA ILE A 79 22.85 -4.42 -4.34
C ILE A 79 23.57 -4.93 -3.10
N THR A 80 22.96 -4.75 -1.93
CA THR A 80 23.58 -5.19 -0.68
C THR A 80 23.64 -6.71 -0.57
N ALA A 81 22.77 -7.44 -1.27
CA ALA A 81 22.82 -8.89 -1.24
C ALA A 81 24.06 -9.41 -1.96
N ILE A 82 24.30 -8.92 -3.19
CA ILE A 82 25.48 -9.34 -3.94
C ILE A 82 26.75 -8.86 -3.26
N ALA A 83 26.68 -7.77 -2.49
CA ALA A 83 27.87 -7.24 -1.84
C ALA A 83 28.28 -8.09 -0.64
N LYS A 84 27.32 -8.44 0.22
CA LYS A 84 27.60 -9.15 1.45
C LYS A 84 27.41 -10.67 1.31
N PHE A 85 27.51 -11.19 0.08
CA PHE A 85 27.44 -12.63 -0.15
C PHE A 85 28.49 -13.01 -1.19
N GLU A 86 29.11 -14.17 -1.00
CA GLU A 86 30.16 -14.64 -1.90
C GLU A 86 29.62 -15.49 -3.03
N ARG A 87 28.69 -16.40 -2.73
CA ARG A 87 28.14 -17.27 -3.77
C ARG A 87 27.25 -16.51 -4.75
N LEU A 88 26.84 -15.29 -4.41
CA LEU A 88 25.99 -14.47 -5.28
C LEU A 88 26.81 -13.57 -6.19
N GLN A 89 28.12 -13.77 -6.28
CA GLN A 89 29.01 -12.95 -7.10
C GLN A 89 29.33 -13.61 -8.44
N THR A 90 28.36 -14.32 -9.02
CA THR A 90 28.58 -14.95 -10.31
C THR A 90 28.73 -13.88 -11.40
N VAL A 91 29.27 -14.32 -12.54
CA VAL A 91 29.49 -13.39 -13.64
C VAL A 91 28.16 -12.96 -14.26
N THR A 92 27.15 -13.82 -14.17
CA THR A 92 25.81 -13.43 -14.63
C THR A 92 25.26 -12.30 -13.76
N ASN A 93 25.55 -12.34 -12.46
CA ASN A 93 25.12 -11.28 -11.56
C ASN A 93 25.98 -10.04 -11.65
N TYR A 94 27.12 -10.09 -12.35
CA TYR A 94 27.91 -8.89 -12.59
C TYR A 94 27.14 -7.90 -13.47
N PHE A 95 26.24 -8.39 -14.31
CA PHE A 95 25.44 -7.52 -15.15
C PHE A 95 24.20 -7.00 -14.43
N ILE A 96 23.60 -7.82 -13.55
CA ILE A 96 22.41 -7.38 -12.83
C ILE A 96 22.74 -6.31 -11.81
N THR A 97 24.01 -6.19 -11.40
CA THR A 97 24.39 -5.12 -10.51
C THR A 97 24.27 -3.75 -11.19
N SER A 98 24.63 -3.69 -12.47
CA SER A 98 24.41 -2.46 -13.23
C SER A 98 22.93 -2.17 -13.43
N LEU A 99 22.10 -3.21 -13.49
CA LEU A 99 20.66 -3.01 -13.60
C LEU A 99 20.11 -2.35 -12.34
N ALA A 100 20.55 -2.81 -11.17
CA ALA A 100 20.07 -2.22 -9.93
C ALA A 100 20.63 -0.83 -9.71
N CYS A 101 21.88 -0.59 -10.11
CA CYS A 101 22.46 0.74 -9.98
C CYS A 101 21.75 1.74 -10.90
N ALA A 102 21.47 1.33 -12.14
CA ALA A 102 20.69 2.19 -13.03
C ALA A 102 19.27 2.38 -12.54
N ASP A 103 18.78 1.49 -11.68
CA ASP A 103 17.44 1.61 -11.10
C ASP A 103 17.43 2.25 -9.72
N LEU A 104 18.53 2.15 -8.97
CA LEU A 104 18.59 2.81 -7.67
C LEU A 104 18.77 4.31 -7.80
N VAL A 105 19.67 4.73 -8.69
CA VAL A 105 19.82 6.16 -8.97
C VAL A 105 18.51 6.71 -9.54
N MET A 106 17.74 5.88 -10.23
CA MET A 106 16.41 6.28 -10.67
C MET A 106 15.52 6.63 -9.49
N GLY A 107 15.36 5.69 -8.56
CA GLY A 107 14.50 5.89 -7.41
C GLY A 107 15.04 6.87 -6.38
N LEU A 108 16.29 7.29 -6.51
CA LEU A 108 16.88 8.23 -5.55
C LEU A 108 16.99 9.66 -6.09
N ALA A 109 17.11 9.83 -7.40
CA ALA A 109 17.25 11.16 -8.00
C ALA A 109 16.21 11.46 -9.07
N VAL A 110 15.75 10.46 -9.80
CA VAL A 110 14.81 10.69 -10.90
C VAL A 110 13.39 10.67 -10.38
N VAL A 111 12.99 9.54 -9.77
CA VAL A 111 11.61 9.40 -9.29
C VAL A 111 11.27 10.42 -8.21
N PRO A 112 12.15 10.71 -7.22
CA PRO A 112 11.77 11.74 -6.23
C PRO A 112 11.48 13.10 -6.84
N PHE A 113 12.39 13.63 -7.65
CA PHE A 113 12.14 14.92 -8.29
C PHE A 113 11.00 14.85 -9.30
N GLY A 114 10.68 13.66 -9.81
CA GLY A 114 9.53 13.53 -10.69
C GLY A 114 8.22 13.79 -9.97
N ALA A 115 8.13 13.38 -8.70
CA ALA A 115 6.93 13.64 -7.92
C ALA A 115 6.91 15.05 -7.37
N ALA A 116 8.08 15.59 -7.01
CA ALA A 116 8.14 16.94 -6.46
C ALA A 116 7.78 17.99 -7.51
N HIS A 117 8.13 17.74 -8.78
CA HIS A 117 7.79 18.68 -9.83
C HIS A 117 6.31 18.63 -10.17
N ILE A 118 5.66 17.49 -9.99
CA ILE A 118 4.26 17.37 -10.33
C ILE A 118 3.38 17.96 -9.23
N LEU A 119 3.75 17.76 -7.97
CA LEU A 119 2.91 18.25 -6.87
C LEU A 119 2.92 19.77 -6.81
N THR A 120 4.11 20.38 -6.86
CA THR A 120 4.22 21.83 -6.75
C THR A 120 3.75 22.55 -8.01
N LYS A 121 3.63 21.83 -9.13
CA LYS A 121 3.25 22.33 -10.46
C LYS A 121 4.28 23.27 -11.05
N THR A 122 5.37 23.57 -10.35
CA THR A 122 6.40 24.46 -10.85
C THR A 122 7.76 23.97 -10.36
N TRP A 123 8.76 24.06 -11.23
CA TRP A 123 10.13 23.71 -10.85
C TRP A 123 10.71 24.80 -9.97
N THR A 124 11.36 24.41 -8.88
CA THR A 124 11.95 25.34 -7.92
C THR A 124 13.36 24.91 -7.54
N PHE A 125 14.15 24.49 -8.53
CA PHE A 125 15.52 24.07 -8.25
C PHE A 125 16.50 24.55 -9.32
N GLY A 126 16.15 25.58 -10.07
CA GLY A 126 17.04 26.08 -11.12
C GLY A 126 16.89 25.31 -12.42
N ASN A 127 17.21 26.00 -13.52
CA ASN A 127 17.06 25.38 -14.83
C ASN A 127 18.23 24.45 -15.15
N PHE A 128 19.45 24.82 -14.73
CA PHE A 128 20.59 23.95 -14.97
C PHE A 128 20.45 22.62 -14.25
N TRP A 129 19.95 22.65 -13.00
CA TRP A 129 19.73 21.41 -12.28
C TRP A 129 18.61 20.57 -12.88
N CYS A 130 17.67 21.20 -13.60
CA CYS A 130 16.66 20.42 -14.30
C CYS A 130 17.22 19.80 -15.57
N GLU A 131 18.07 20.54 -16.29
CA GLU A 131 18.84 19.92 -17.36
C GLU A 131 19.68 18.78 -16.82
N PHE A 132 20.21 18.94 -15.61
CA PHE A 132 20.90 17.84 -14.94
C PHE A 132 19.92 16.75 -14.56
N TRP A 133 18.73 17.12 -14.07
CA TRP A 133 17.75 16.11 -13.67
C TRP A 133 17.23 15.34 -14.86
N THR A 134 16.93 16.04 -15.96
CA THR A 134 16.49 15.34 -17.17
C THR A 134 17.57 14.40 -17.68
N SER A 135 18.83 14.79 -17.54
CA SER A 135 19.93 13.95 -18.01
C SER A 135 19.98 12.63 -17.24
N ILE A 136 19.80 12.69 -15.91
CA ILE A 136 19.84 11.48 -15.10
C ILE A 136 18.70 10.54 -15.49
N ASP A 137 17.52 11.09 -15.78
CA ASP A 137 16.37 10.30 -16.07
C ASP A 137 16.62 9.50 -17.30
N VAL A 138 17.15 10.12 -18.34
CA VAL A 138 17.39 9.41 -19.59
C VAL A 138 18.59 8.48 -19.45
N LEU A 139 19.62 8.93 -18.71
CA LEU A 139 20.81 8.10 -18.51
C LEU A 139 20.46 6.80 -17.79
N CYS A 140 19.52 6.86 -16.85
CA CYS A 140 19.14 5.66 -16.11
C CYS A 140 18.26 4.74 -16.94
N VAL A 141 17.28 5.29 -17.66
CA VAL A 141 16.42 4.46 -18.49
C VAL A 141 17.24 3.79 -19.60
N THR A 142 18.16 4.53 -20.19
CA THR A 142 19.06 3.94 -21.18
C THR A 142 19.93 2.86 -20.57
N ALA A 143 20.49 3.14 -19.39
CA ALA A 143 21.33 2.15 -18.73
C ALA A 143 20.51 0.99 -18.18
N SER A 144 19.23 1.21 -17.90
CA SER A 144 18.38 0.13 -17.39
C SER A 144 17.95 -0.80 -18.52
N ILE A 145 17.41 -0.24 -19.60
CA ILE A 145 16.90 -1.06 -20.69
C ILE A 145 18.02 -1.77 -21.42
N GLU A 146 19.13 -1.07 -21.68
CA GLU A 146 20.26 -1.71 -22.34
C GLU A 146 20.87 -2.80 -21.48
N THR A 147 20.78 -2.66 -20.16
CA THR A 147 21.22 -3.75 -19.28
C THR A 147 20.26 -4.93 -19.37
N LEU A 148 18.96 -4.66 -19.44
CA LEU A 148 17.99 -5.73 -19.67
C LEU A 148 18.28 -6.46 -20.98
N CYS A 149 18.75 -5.72 -21.99
CA CYS A 149 19.17 -6.36 -23.23
C CYS A 149 20.42 -7.21 -23.02
N VAL A 150 21.32 -6.75 -22.14
CA VAL A 150 22.53 -7.53 -21.86
C VAL A 150 22.19 -8.78 -21.06
N ILE A 151 21.24 -8.68 -20.13
CA ILE A 151 20.86 -9.84 -19.33
C ILE A 151 20.30 -10.94 -20.23
N ALA A 152 19.48 -10.58 -21.20
CA ALA A 152 18.89 -11.58 -22.09
C ALA A 152 19.94 -12.21 -22.99
N VAL A 153 20.86 -11.40 -23.52
CA VAL A 153 21.92 -11.94 -24.37
C VAL A 153 22.87 -12.83 -23.57
N ASP A 154 23.16 -12.45 -22.32
CA ASP A 154 24.08 -13.24 -21.50
C ASP A 154 23.52 -14.62 -21.22
N ARG A 155 22.26 -14.68 -20.77
CA ARG A 155 21.68 -15.97 -20.39
C ARG A 155 21.40 -16.84 -21.62
N TYR A 156 21.18 -16.22 -22.78
CA TYR A 156 21.05 -17.01 -24.00
C TYR A 156 22.40 -17.52 -24.48
N PHE A 157 23.45 -16.71 -24.32
CA PHE A 157 24.77 -17.10 -24.80
C PHE A 157 25.31 -18.30 -24.05
N ALA A 158 24.96 -18.45 -22.77
CA ALA A 158 25.40 -19.59 -21.98
C ALA A 158 24.60 -20.85 -22.29
N ILE A 159 23.38 -20.73 -22.79
CA ILE A 159 22.54 -21.90 -23.06
C ILE A 159 22.97 -22.56 -24.37
N THR A 160 23.18 -21.77 -25.41
CA THR A 160 23.52 -22.34 -26.72
C THR A 160 24.91 -22.97 -26.70
N SER A 161 25.93 -22.19 -26.33
CA SER A 161 27.31 -22.64 -26.28
C SER A 161 27.80 -22.57 -24.84
N PRO A 162 27.57 -23.61 -24.04
CA PRO A 162 27.97 -23.54 -22.63
C PRO A 162 29.47 -23.64 -22.42
N PHE A 163 30.18 -24.39 -23.26
CA PHE A 163 31.62 -24.57 -23.05
C PHE A 163 32.39 -23.27 -23.25
N LYS A 164 32.02 -22.50 -24.28
CA LYS A 164 32.69 -21.23 -24.53
C LYS A 164 32.35 -20.17 -23.49
N TYR A 165 31.22 -20.31 -22.80
CA TYR A 165 30.77 -19.27 -21.88
C TYR A 165 31.74 -19.10 -20.72
N GLN A 166 32.25 -20.20 -20.17
CA GLN A 166 33.21 -20.11 -19.08
C GLN A 166 34.60 -19.73 -19.56
N SER A 167 34.84 -19.64 -20.86
CA SER A 167 36.15 -19.33 -21.40
C SER A 167 36.28 -17.89 -21.89
N LEU A 168 35.18 -17.26 -22.28
CA LEU A 168 35.23 -15.90 -22.81
C LEU A 168 34.82 -14.84 -21.80
N LEU A 169 33.66 -15.01 -21.16
CA LEU A 169 33.15 -14.00 -20.25
C LEU A 169 33.92 -14.01 -18.93
N THR A 170 34.97 -13.19 -18.83
CA THR A 170 35.77 -13.07 -17.64
C THR A 170 35.40 -11.78 -16.91
N LYS A 171 36.17 -11.45 -15.87
CA LYS A 171 35.93 -10.21 -15.14
C LYS A 171 36.20 -8.99 -16.01
N ASN A 172 37.17 -9.08 -16.92
CA ASN A 172 37.45 -7.95 -17.80
C ASN A 172 36.33 -7.76 -18.83
N LYS A 173 35.97 -8.82 -19.54
CA LYS A 173 34.92 -8.72 -20.54
C LYS A 173 33.55 -8.42 -19.95
N ALA A 174 33.37 -8.66 -18.64
CA ALA A 174 32.11 -8.33 -17.99
C ALA A 174 32.00 -6.84 -17.71
N ARG A 175 33.09 -6.23 -17.23
CA ARG A 175 33.08 -4.80 -16.96
C ARG A 175 33.08 -3.98 -18.25
N VAL A 176 33.70 -4.51 -19.31
CA VAL A 176 33.71 -3.80 -20.59
C VAL A 176 32.29 -3.66 -21.14
N ILE A 177 31.47 -4.70 -20.98
CA ILE A 177 30.08 -4.62 -21.41
C ILE A 177 29.33 -3.57 -20.61
N ILE A 178 29.54 -3.56 -19.29
CA ILE A 178 28.88 -2.57 -18.44
C ILE A 178 29.43 -1.18 -18.73
N LEU A 179 30.74 -1.08 -18.94
CA LEU A 179 31.33 0.22 -19.27
C LEU A 179 30.81 0.74 -20.60
N MET A 180 30.66 -0.16 -21.59
CA MET A 180 30.17 0.27 -22.90
C MET A 180 28.71 0.72 -22.83
N VAL A 181 27.90 0.04 -22.01
CA VAL A 181 26.49 0.41 -21.90
C VAL A 181 26.35 1.82 -21.30
N TRP A 182 27.04 2.08 -20.20
CA TRP A 182 26.95 3.39 -19.56
C TRP A 182 27.59 4.48 -20.43
N ILE A 183 28.57 4.12 -21.25
CA ILE A 183 29.13 5.09 -22.19
C ILE A 183 28.13 5.39 -23.30
N VAL A 184 27.52 4.35 -23.86
CA VAL A 184 26.46 4.56 -24.84
C VAL A 184 25.28 5.27 -24.20
N SER A 185 24.93 4.90 -22.98
CA SER A 185 23.85 5.58 -22.26
C SER A 185 24.22 7.02 -21.93
N GLY A 186 25.48 7.25 -21.55
CA GLY A 186 25.91 8.60 -21.22
C GLY A 186 26.00 9.51 -22.43
N LEU A 187 26.45 8.97 -23.56
CA LEU A 187 26.60 9.75 -24.78
C LEU A 187 25.29 10.03 -25.49
N THR A 188 24.21 9.35 -25.10
CA THR A 188 22.90 9.57 -25.70
C THR A 188 21.96 10.38 -24.82
N SER A 189 22.31 10.60 -23.56
CA SER A 189 21.49 11.38 -22.64
C SER A 189 22.18 12.64 -22.17
N PHE A 190 23.39 12.52 -21.60
CA PHE A 190 24.07 13.67 -21.02
C PHE A 190 24.56 14.63 -22.10
N LEU A 191 25.44 14.14 -22.99
CA LEU A 191 26.07 15.02 -23.97
C LEU A 191 25.09 15.74 -24.89
N PRO A 192 24.06 15.09 -25.44
CA PRO A 192 23.07 15.85 -26.24
C PRO A 192 22.31 16.88 -25.43
N ILE A 193 22.26 16.74 -24.11
CA ILE A 193 21.56 17.70 -23.26
C ILE A 193 22.51 18.81 -22.80
N GLN A 194 23.72 18.46 -22.36
CA GLN A 194 24.68 19.48 -21.95
C GLN A 194 25.14 20.33 -23.10
N MET A 195 24.90 19.91 -24.34
CA MET A 195 25.23 20.69 -25.52
C MET A 195 24.00 21.35 -26.14
N HIS A 196 22.81 21.13 -25.58
CA HIS A 196 21.57 21.72 -26.07
C HIS A 196 21.29 21.33 -27.52
N TRP A 197 21.37 20.03 -27.79
CA TRP A 197 21.13 19.51 -29.13
C TRP A 197 19.71 18.98 -29.30
N TYR A 198 18.82 19.26 -28.37
CA TYR A 198 17.47 18.70 -28.37
C TYR A 198 16.37 19.75 -28.48
N ARG A 199 16.63 20.98 -28.04
CA ARG A 199 15.60 21.99 -27.86
C ARG A 199 15.51 22.91 -29.09
N ALA A 200 14.80 24.03 -28.92
CA ALA A 200 14.69 25.09 -29.92
C ALA A 200 13.83 24.68 -31.11
N THR A 201 12.75 23.94 -30.86
CA THR A 201 11.83 23.56 -31.92
C THR A 201 10.87 24.69 -32.26
N HIS A 202 10.14 25.20 -31.26
CA HIS A 202 9.14 26.22 -31.45
C HIS A 202 9.44 27.44 -30.57
N GLN A 203 8.65 28.50 -30.77
CA GLN A 203 8.81 29.71 -29.98
C GLN A 203 8.33 29.50 -28.54
N GLU A 204 7.26 28.72 -28.37
CA GLU A 204 6.74 28.46 -27.02
C GLU A 204 7.74 27.68 -26.18
N ALA A 205 8.41 26.69 -26.77
CA ALA A 205 9.34 25.87 -26.01
C ALA A 205 10.47 26.69 -25.43
N ILE A 206 10.93 27.70 -26.17
CA ILE A 206 12.07 28.52 -25.75
C ILE A 206 11.81 29.16 -24.39
N ASN A 207 10.57 29.58 -24.15
CA ASN A 207 10.26 30.34 -22.93
C ASN A 207 10.50 29.51 -21.68
N CYS A 208 10.15 28.23 -21.72
CA CYS A 208 10.32 27.38 -20.54
C CYS A 208 11.77 27.06 -20.26
N TYR A 209 12.64 27.12 -21.27
CA TYR A 209 14.06 26.91 -21.02
C TYR A 209 14.70 28.12 -20.35
N ALA A 210 14.35 29.33 -20.80
CA ALA A 210 14.92 30.53 -20.22
C ALA A 210 14.48 30.72 -18.78
N GLU A 211 13.22 30.37 -18.48
CA GLU A 211 12.70 30.52 -17.12
C GLU A 211 13.38 29.53 -16.19
N GLU A 212 13.88 30.02 -15.05
CA GLU A 212 14.51 29.17 -14.06
C GLU A 212 13.49 28.40 -13.21
N THR A 213 12.21 28.70 -13.35
CA THR A 213 11.16 28.01 -12.61
C THR A 213 10.29 27.11 -13.48
N CYS A 214 10.38 27.24 -14.80
CA CYS A 214 9.69 26.34 -15.73
C CYS A 214 10.66 25.29 -16.22
N CYS A 215 10.20 24.04 -16.26
CA CYS A 215 10.99 22.98 -16.86
C CYS A 215 10.03 21.86 -17.30
N ASP A 216 9.73 21.84 -18.59
CA ASP A 216 8.99 20.75 -19.22
C ASP A 216 9.92 20.08 -20.23
N PHE A 217 9.38 19.12 -20.99
CA PHE A 217 10.15 18.35 -21.94
C PHE A 217 9.70 18.70 -23.36
N PHE A 218 10.53 19.45 -24.07
CA PHE A 218 10.31 19.75 -25.48
C PHE A 218 11.56 19.36 -26.25
N THR A 219 11.44 18.40 -27.15
CA THR A 219 12.55 17.95 -27.98
C THR A 219 12.14 17.98 -29.44
N ASN A 220 13.13 18.18 -30.30
CA ASN A 220 12.89 18.22 -31.74
C ASN A 220 12.65 16.82 -32.28
N GLN A 221 12.43 16.72 -33.59
CA GLN A 221 12.19 15.43 -34.22
C GLN A 221 13.44 14.55 -34.17
N ALA A 222 14.63 15.15 -34.23
CA ALA A 222 15.86 14.36 -34.28
C ALA A 222 16.10 13.62 -32.97
N TYR A 223 16.18 14.36 -31.85
CA TYR A 223 16.52 13.73 -30.59
C TYR A 223 15.39 12.84 -30.07
N ALA A 224 14.14 13.15 -30.44
CA ALA A 224 13.02 12.34 -29.97
C ALA A 224 13.06 10.94 -30.56
N ILE A 225 13.44 10.81 -31.83
CA ILE A 225 13.52 9.51 -32.48
C ILE A 225 14.87 8.84 -32.21
N ALA A 226 15.95 9.61 -32.17
CA ALA A 226 17.27 9.03 -31.95
C ALA A 226 17.38 8.43 -30.56
N SER A 227 16.94 9.17 -29.53
CA SER A 227 17.03 8.65 -28.17
C SER A 227 16.10 7.46 -27.96
N SER A 228 14.92 7.49 -28.58
CA SER A 228 13.98 6.38 -28.42
C SER A 228 14.51 5.09 -29.05
N ILE A 229 15.23 5.21 -30.16
CA ILE A 229 15.78 4.03 -30.81
C ILE A 229 16.94 3.46 -30.01
N VAL A 230 17.84 4.33 -29.54
CA VAL A 230 18.98 3.87 -28.75
C VAL A 230 18.52 3.32 -27.41
N SER A 231 17.47 3.89 -26.82
CA SER A 231 17.04 3.47 -25.50
C SER A 231 16.13 2.25 -25.56
N PHE A 232 15.15 2.25 -26.46
CA PHE A 232 14.08 1.27 -26.43
C PHE A 232 14.06 0.35 -27.64
N TYR A 233 14.06 0.89 -28.85
CA TYR A 233 13.75 0.09 -30.03
C TYR A 233 14.89 -0.86 -30.40
N VAL A 234 16.14 -0.48 -30.14
CA VAL A 234 17.27 -1.38 -30.39
C VAL A 234 17.27 -2.50 -29.36
N PRO A 235 17.17 -2.22 -28.04
CA PRO A 235 17.08 -3.33 -27.08
C PRO A 235 15.79 -4.13 -27.19
N LEU A 236 14.74 -3.57 -27.80
CA LEU A 236 13.47 -4.30 -27.92
C LEU A 236 13.61 -5.47 -28.88
N VAL A 237 14.00 -5.20 -30.13
CA VAL A 237 14.08 -6.23 -31.15
C VAL A 237 15.10 -7.30 -30.75
N ILE A 238 16.17 -6.91 -30.06
CA ILE A 238 17.14 -7.89 -29.59
C ILE A 238 16.53 -8.80 -28.55
N MET A 239 15.89 -8.22 -27.52
CA MET A 239 15.26 -9.02 -26.49
C MET A 239 14.10 -9.84 -27.04
N VAL A 240 13.43 -9.33 -28.08
CA VAL A 240 12.35 -10.09 -28.71
C VAL A 240 12.91 -11.30 -29.44
N PHE A 241 13.99 -11.11 -30.20
CA PHE A 241 14.56 -12.20 -30.97
C PHE A 241 15.37 -13.16 -30.11
N VAL A 242 16.00 -12.65 -29.05
CA VAL A 242 16.76 -13.53 -28.15
C VAL A 242 15.83 -14.49 -27.43
N TYR A 243 14.80 -13.95 -26.77
CA TYR A 243 13.85 -14.79 -26.06
C TYR A 243 12.99 -15.63 -27.00
N SER A 244 12.88 -15.22 -28.27
CA SER A 244 12.20 -16.06 -29.25
C SER A 244 12.97 -17.35 -29.49
N ARG A 245 14.30 -17.26 -29.51
CA ARG A 245 15.12 -18.47 -29.64
C ARG A 245 15.32 -19.17 -28.32
N VAL A 246 15.34 -18.42 -27.21
CA VAL A 246 15.44 -19.04 -25.89
C VAL A 246 14.25 -19.95 -25.65
N PHE A 247 13.04 -19.48 -25.98
CA PHE A 247 11.87 -20.34 -25.90
C PHE A 247 11.96 -21.50 -26.87
N GLN A 248 12.60 -21.29 -28.03
CA GLN A 248 12.80 -22.37 -28.99
C GLN A 248 13.94 -23.29 -28.57
N GLU A 249 15.00 -22.72 -28.00
CA GLU A 249 16.13 -23.54 -27.56
C GLU A 249 15.75 -24.43 -26.39
N CYS A 250 14.81 -23.97 -25.55
CA CYS A 250 14.36 -24.77 -24.42
C CYS A 250 13.37 -25.86 -24.81
N LYS A 251 12.90 -25.87 -26.05
CA LYS A 251 11.99 -26.91 -26.50
C LYS A 251 12.65 -28.28 -26.50
N ARG A 252 13.98 -28.33 -26.45
CA ARG A 252 14.74 -29.57 -26.40
C ARG A 252 15.77 -29.51 -25.27
N GLN A 253 15.38 -28.93 -24.13
CA GLN A 253 16.31 -28.76 -23.02
C GLN A 253 16.78 -30.10 -22.46
N LEU A 254 16.07 -31.19 -22.77
CA LEU A 254 16.52 -32.51 -22.34
C LEU A 254 17.64 -33.04 -23.23
N GLN A 255 17.62 -32.73 -24.52
CA GLN A 255 18.67 -33.16 -25.43
C GLN A 255 19.96 -32.37 -25.24
N LYS A 256 19.85 -31.10 -24.84
CA LYS A 256 21.04 -30.28 -24.66
C LYS A 256 21.91 -30.82 -23.54
N ASN A 257 21.30 -31.33 -22.47
CA ASN A 257 22.07 -31.92 -21.38
C ASN A 257 22.77 -33.20 -21.84
N ILE A 258 22.12 -33.96 -22.73
CA ILE A 258 22.76 -35.15 -23.28
C ILE A 258 23.90 -34.76 -24.21
N PHE A 259 23.77 -33.63 -24.91
CA PHE A 259 24.81 -33.20 -25.83
C PHE A 259 26.07 -32.77 -25.10
N GLU A 260 25.93 -32.01 -24.02
CA GLU A 260 27.10 -31.57 -23.26
C GLU A 260 27.71 -32.73 -22.47
N MET A 261 26.91 -33.73 -22.12
CA MET A 261 27.44 -34.90 -21.42
C MET A 261 28.26 -35.77 -22.37
N LEU A 262 27.71 -36.08 -23.55
CA LEU A 262 28.45 -36.89 -24.51
C LEU A 262 29.64 -36.15 -25.10
N ARG A 263 29.68 -34.82 -25.00
CA ARG A 263 30.88 -34.09 -25.39
C ARG A 263 32.02 -34.30 -24.41
N ILE A 264 31.71 -34.65 -23.17
CA ILE A 264 32.75 -34.97 -22.19
C ILE A 264 33.08 -36.46 -22.20
N ASP A 265 32.07 -37.30 -22.41
CA ASP A 265 32.29 -38.75 -22.40
C ASP A 265 32.80 -39.24 -23.75
N GLU A 266 32.03 -39.02 -24.81
CA GLU A 266 32.43 -39.50 -26.13
C GLU A 266 33.44 -38.56 -26.78
N GLY A 267 33.06 -37.29 -26.94
CA GLY A 267 33.97 -36.32 -27.53
C GLY A 267 33.52 -35.80 -28.88
N LEU A 268 33.47 -34.48 -29.02
CA LEU A 268 33.08 -33.83 -30.27
C LEU A 268 34.32 -33.46 -31.05
N ARG A 269 34.34 -33.83 -32.33
CA ARG A 269 35.43 -33.48 -33.24
C ARG A 269 34.83 -32.82 -34.47
N LEU A 270 35.27 -31.59 -34.75
CA LEU A 270 34.71 -30.85 -35.88
C LEU A 270 35.19 -31.41 -37.22
N LYS A 271 36.39 -31.98 -37.26
CA LYS A 271 36.91 -32.57 -38.47
C LYS A 271 36.62 -34.07 -38.51
N ILE A 272 36.64 -34.63 -39.71
CA ILE A 272 36.36 -36.05 -39.90
C ILE A 272 37.51 -36.86 -39.31
N TYR A 273 37.15 -37.82 -38.45
CA TYR A 273 38.13 -38.68 -37.79
C TYR A 273 37.76 -40.13 -38.03
N LYS A 274 38.75 -40.95 -38.40
CA LYS A 274 38.51 -42.37 -38.63
C LYS A 274 38.31 -43.09 -37.30
N ASP A 275 37.37 -44.03 -37.28
CA ASP A 275 37.06 -44.78 -36.08
C ASP A 275 37.95 -46.02 -35.98
N THR A 276 37.90 -46.67 -34.81
CA THR A 276 38.73 -47.84 -34.58
C THR A 276 38.34 -49.01 -35.48
N GLU A 277 37.07 -49.09 -35.86
CA GLU A 277 36.62 -50.16 -36.76
C GLU A 277 37.07 -49.94 -38.20
N GLY A 278 37.64 -48.78 -38.51
CA GLY A 278 38.08 -48.48 -39.86
C GLY A 278 37.13 -47.64 -40.68
N TYR A 279 36.10 -47.06 -40.06
CA TYR A 279 35.10 -46.26 -40.75
C TYR A 279 35.21 -44.81 -40.32
N TYR A 280 34.60 -43.93 -41.10
CA TYR A 280 34.66 -42.49 -40.88
C TYR A 280 33.42 -42.03 -40.12
N THR A 281 33.64 -41.29 -39.03
CA THR A 281 32.57 -40.72 -38.24
C THR A 281 32.78 -39.22 -38.10
N ILE A 282 31.75 -38.53 -37.61
CA ILE A 282 31.80 -37.08 -37.47
C ILE A 282 31.01 -36.69 -36.22
N GLY A 283 31.38 -35.56 -35.62
CA GLY A 283 30.69 -35.05 -34.45
C GLY A 283 30.86 -35.92 -33.22
N ILE A 284 29.78 -36.55 -32.77
CA ILE A 284 29.79 -37.40 -31.59
C ILE A 284 29.27 -38.77 -32.03
N GLY A 285 30.19 -39.64 -32.42
CA GLY A 285 29.84 -41.02 -32.75
C GLY A 285 28.81 -41.16 -33.86
N HIS A 286 28.73 -40.21 -34.77
CA HIS A 286 27.79 -40.25 -35.89
C HIS A 286 28.50 -40.81 -37.10
N LEU A 287 28.09 -41.99 -37.56
CA LEU A 287 28.72 -42.64 -38.69
C LEU A 287 28.38 -41.91 -39.99
N LEU A 288 29.41 -41.60 -40.78
CA LEU A 288 29.20 -41.02 -42.09
C LEU A 288 28.87 -42.09 -43.12
N THR A 289 29.79 -43.02 -43.33
CA THR A 289 29.59 -44.13 -44.25
C THR A 289 30.60 -45.22 -43.94
N LYS A 290 30.20 -46.47 -44.19
CA LYS A 290 31.08 -47.62 -43.93
C LYS A 290 32.08 -47.86 -45.05
N SER A 291 32.13 -46.99 -46.06
CA SER A 291 33.10 -47.15 -47.13
C SER A 291 34.44 -46.57 -46.72
N PRO A 292 35.56 -47.25 -47.01
CA PRO A 292 36.88 -46.76 -46.62
C PRO A 292 37.41 -45.62 -47.47
N SER A 293 36.59 -45.05 -48.36
CA SER A 293 37.01 -43.93 -49.19
C SER A 293 36.65 -42.62 -48.51
N LEU A 294 37.66 -41.76 -48.30
CA LEU A 294 37.41 -40.49 -47.64
C LEU A 294 36.57 -39.56 -48.51
N ASN A 295 36.59 -39.75 -49.83
CA ASN A 295 35.77 -38.93 -50.71
C ASN A 295 34.29 -39.18 -50.46
N ALA A 296 33.91 -40.44 -50.19
CA ALA A 296 32.52 -40.74 -49.87
C ALA A 296 32.13 -40.17 -48.51
N ALA A 297 33.09 -40.01 -47.60
CA ALA A 297 32.80 -39.41 -46.31
C ALA A 297 32.50 -37.93 -46.42
N LYS A 298 33.12 -37.25 -47.39
CA LYS A 298 32.84 -35.83 -47.58
C LYS A 298 31.48 -35.61 -48.24
N SER A 299 31.13 -36.45 -49.22
CA SER A 299 29.85 -36.29 -49.90
C SER A 299 28.68 -36.62 -48.96
N GLU A 300 28.83 -37.67 -48.15
CA GLU A 300 27.80 -37.97 -47.15
C GLU A 300 27.67 -36.86 -46.12
N LEU A 301 28.78 -36.20 -45.78
CA LEU A 301 28.72 -35.09 -44.83
C LEU A 301 28.05 -33.87 -45.44
N ASP A 302 28.19 -33.67 -46.75
CA ASP A 302 27.57 -32.52 -47.39
C ASP A 302 26.05 -32.64 -47.43
N LYS A 303 25.53 -33.87 -47.51
CA LYS A 303 24.08 -34.05 -47.57
C LYS A 303 23.43 -33.76 -46.23
N ALA A 304 24.01 -34.27 -45.14
CA ALA A 304 23.40 -34.07 -43.83
C ALA A 304 23.59 -32.64 -43.34
N ILE A 305 24.71 -32.00 -43.69
CA ILE A 305 24.95 -30.64 -43.24
C ILE A 305 24.22 -29.64 -44.14
N GLY A 306 24.40 -29.75 -45.44
CA GLY A 306 23.80 -28.87 -46.40
C GLY A 306 24.71 -27.82 -47.02
N ARG A 307 26.03 -28.00 -46.94
CA ARG A 307 26.97 -27.06 -47.53
C ARG A 307 28.25 -27.81 -47.87
N ASN A 308 29.21 -27.07 -48.46
CA ASN A 308 30.50 -27.65 -48.84
C ASN A 308 31.41 -27.58 -47.61
N THR A 309 31.45 -28.67 -46.85
CA THR A 309 32.20 -28.67 -45.59
C THR A 309 33.67 -28.99 -45.82
N ASN A 310 33.99 -29.84 -46.79
CA ASN A 310 35.35 -30.31 -47.05
C ASN A 310 35.96 -30.99 -45.82
N GLY A 311 35.10 -31.56 -44.97
CA GLY A 311 35.58 -32.29 -43.80
C GLY A 311 35.32 -31.58 -42.48
N VAL A 312 35.48 -30.26 -42.47
CA VAL A 312 35.38 -29.46 -41.25
C VAL A 312 33.96 -28.91 -41.13
N ILE A 313 33.37 -29.08 -39.95
CA ILE A 313 32.05 -28.53 -39.65
C ILE A 313 32.16 -27.66 -38.41
N THR A 314 31.03 -27.08 -37.99
CA THR A 314 30.99 -26.18 -36.84
C THR A 314 30.34 -26.87 -35.65
N LYS A 315 30.17 -26.10 -34.57
CA LYS A 315 29.59 -26.66 -33.34
C LYS A 315 28.09 -26.87 -33.50
N ASP A 316 27.36 -25.83 -33.92
CA ASP A 316 25.91 -25.94 -34.04
C ASP A 316 25.51 -26.93 -35.13
N GLU A 317 26.31 -27.05 -36.20
CA GLU A 317 26.00 -28.04 -37.24
C GLU A 317 26.15 -29.45 -36.70
N ALA A 318 27.21 -29.71 -35.92
CA ALA A 318 27.35 -31.01 -35.27
C ALA A 318 26.28 -31.20 -34.20
N GLU A 319 25.81 -30.11 -33.59
CA GLU A 319 24.76 -30.21 -32.58
C GLU A 319 23.41 -30.56 -33.22
N LYS A 320 23.18 -30.09 -34.45
CA LYS A 320 21.95 -30.46 -35.14
C LYS A 320 21.99 -31.92 -35.60
N LEU A 321 23.17 -32.41 -35.99
CA LEU A 321 23.32 -33.84 -36.27
C LEU A 321 23.12 -34.66 -35.01
N PHE A 322 23.42 -34.09 -33.84
CA PHE A 322 23.21 -34.79 -32.59
C PHE A 322 21.73 -34.98 -32.27
N ASN A 323 20.90 -34.02 -32.68
CA ASN A 323 19.46 -34.15 -32.45
C ASN A 323 18.86 -35.29 -33.27
N GLN A 324 19.37 -35.51 -34.48
CA GLN A 324 18.90 -36.63 -35.29
C GLN A 324 19.38 -37.96 -34.73
N ASP A 325 20.60 -37.99 -34.17
CA ASP A 325 21.13 -39.23 -33.62
C ASP A 325 20.42 -39.62 -32.33
N VAL A 326 19.96 -38.64 -31.55
CA VAL A 326 19.27 -38.96 -30.30
C VAL A 326 17.85 -39.46 -30.58
N ASP A 327 17.11 -38.74 -31.42
CA ASP A 327 15.76 -39.17 -31.75
C ASP A 327 15.75 -40.54 -32.41
N ALA A 328 16.79 -40.87 -33.18
CA ALA A 328 16.91 -42.20 -33.75
C ALA A 328 17.33 -43.24 -32.72
N ALA A 329 17.86 -42.81 -31.57
CA ALA A 329 18.26 -43.69 -30.48
C ALA A 329 17.17 -43.87 -29.43
N VAL A 330 16.41 -42.82 -29.13
CA VAL A 330 15.33 -42.95 -28.16
C VAL A 330 14.23 -43.85 -28.70
N ARG A 331 13.97 -43.77 -30.01
CA ARG A 331 13.01 -44.68 -30.63
C ARG A 331 13.50 -46.11 -30.59
N GLY A 332 14.82 -46.32 -30.62
CA GLY A 332 15.36 -47.66 -30.52
C GLY A 332 15.24 -48.24 -29.12
N ILE A 333 15.32 -47.40 -28.09
CA ILE A 333 15.11 -47.87 -26.73
C ILE A 333 13.65 -48.29 -26.54
N LEU A 334 12.71 -47.54 -27.12
CA LEU A 334 11.31 -47.94 -27.08
C LEU A 334 11.02 -49.09 -28.03
N ARG A 335 11.89 -49.34 -29.01
CA ARG A 335 11.69 -50.45 -29.93
C ARG A 335 12.14 -51.77 -29.33
N ASN A 336 13.27 -51.76 -28.61
CA ASN A 336 13.76 -52.97 -27.96
C ASN A 336 12.86 -53.33 -26.78
N ALA A 337 12.43 -54.60 -26.72
CA ALA A 337 11.51 -55.03 -25.69
C ALA A 337 12.15 -55.09 -24.31
N LYS A 338 13.48 -55.11 -24.23
CA LYS A 338 14.16 -55.16 -22.95
C LYS A 338 14.57 -53.79 -22.43
N LEU A 339 14.66 -52.79 -23.30
CA LEU A 339 15.05 -51.45 -22.90
C LEU A 339 13.86 -50.55 -22.62
N LYS A 340 12.67 -50.89 -23.13
CA LYS A 340 11.50 -50.04 -22.90
C LYS A 340 11.03 -50.07 -21.46
N PRO A 341 10.88 -51.22 -20.79
CA PRO A 341 10.45 -51.18 -19.39
C PRO A 341 11.43 -50.45 -18.48
N VAL A 342 12.73 -50.49 -18.80
CA VAL A 342 13.71 -49.74 -18.01
C VAL A 342 13.57 -48.25 -18.28
N TYR A 343 13.32 -47.87 -19.54
CA TYR A 343 13.19 -46.46 -19.88
C TYR A 343 11.94 -45.83 -19.26
N ASP A 344 10.90 -46.63 -19.03
CA ASP A 344 9.67 -46.09 -18.46
C ASP A 344 9.78 -45.81 -16.97
N SER A 345 10.74 -46.43 -16.29
CA SER A 345 10.92 -46.26 -14.85
C SER A 345 12.04 -45.29 -14.50
N LEU A 346 12.90 -44.93 -15.45
CA LEU A 346 13.98 -44.01 -15.17
C LEU A 346 13.49 -42.57 -15.19
N ASP A 347 14.13 -41.74 -14.36
CA ASP A 347 13.84 -40.31 -14.35
C ASP A 347 14.55 -39.63 -15.53
N ALA A 348 14.41 -38.31 -15.61
CA ALA A 348 14.94 -37.57 -16.76
C ALA A 348 16.45 -37.64 -16.82
N VAL A 349 17.13 -37.45 -15.68
CA VAL A 349 18.59 -37.45 -15.68
C VAL A 349 19.13 -38.85 -15.95
N ARG A 350 18.51 -39.87 -15.37
CA ARG A 350 18.97 -41.23 -15.59
C ARG A 350 18.58 -41.76 -16.97
N ARG A 351 17.53 -41.21 -17.59
CA ARG A 351 17.25 -41.53 -18.98
C ARG A 351 18.40 -41.10 -19.88
N ALA A 352 19.00 -39.95 -19.60
CA ALA A 352 20.16 -39.50 -20.38
C ALA A 352 21.35 -40.41 -20.13
N ALA A 353 21.50 -40.92 -18.90
CA ALA A 353 22.59 -41.85 -18.62
C ALA A 353 22.39 -43.18 -19.33
N LEU A 354 21.13 -43.60 -19.52
CA LEU A 354 20.87 -44.81 -20.30
C LEU A 354 21.19 -44.60 -21.77
N ILE A 355 20.81 -43.45 -22.33
CA ILE A 355 21.15 -43.13 -23.71
C ILE A 355 22.66 -42.98 -23.86
N ASN A 356 23.34 -42.52 -22.80
CA ASN A 356 24.80 -42.44 -22.82
C ASN A 356 25.42 -43.81 -23.09
N MET A 357 24.83 -44.87 -22.55
CA MET A 357 25.33 -46.21 -22.80
C MET A 357 24.97 -46.69 -24.20
N VAL A 358 23.87 -46.18 -24.77
CA VAL A 358 23.48 -46.58 -26.12
C VAL A 358 24.43 -45.99 -27.15
N PHE A 359 24.92 -44.78 -26.90
CA PHE A 359 25.85 -44.15 -27.85
C PHE A 359 27.22 -44.82 -27.85
N GLN A 360 27.56 -45.55 -26.79
CA GLN A 360 28.87 -46.18 -26.67
C GLN A 360 28.84 -47.65 -27.08
N MET A 361 27.85 -48.41 -26.60
CA MET A 361 27.77 -49.84 -26.89
C MET A 361 26.65 -50.22 -27.82
N GLY A 362 25.60 -49.40 -27.94
CA GLY A 362 24.46 -49.72 -28.76
C GLY A 362 23.39 -50.49 -28.01
N GLU A 363 22.22 -50.59 -28.64
CA GLU A 363 21.11 -51.31 -28.03
C GLU A 363 21.42 -52.78 -27.80
N THR A 364 22.37 -53.35 -28.56
CA THR A 364 22.78 -54.72 -28.32
C THR A 364 23.64 -54.82 -27.07
N GLY A 365 24.51 -53.84 -26.84
CA GLY A 365 25.37 -53.84 -25.68
C GLY A 365 24.65 -53.47 -24.39
N VAL A 366 23.75 -52.49 -24.47
CA VAL A 366 23.01 -52.07 -23.28
C VAL A 366 22.10 -53.20 -22.81
N ALA A 367 21.51 -53.95 -23.75
CA ALA A 367 20.69 -55.09 -23.40
C ALA A 367 21.49 -56.24 -22.79
N GLY A 368 22.82 -56.21 -22.93
CA GLY A 368 23.67 -57.25 -22.36
C GLY A 368 23.81 -57.23 -20.87
N PHE A 369 23.20 -56.26 -20.19
CA PHE A 369 23.22 -56.17 -18.72
C PHE A 369 21.85 -56.59 -18.22
N THR A 370 21.67 -57.90 -18.04
CA THR A 370 20.38 -58.42 -17.58
C THR A 370 20.14 -58.06 -16.12
N ASN A 371 21.19 -58.11 -15.29
CA ASN A 371 21.04 -57.81 -13.87
C ASN A 371 20.81 -56.33 -13.63
N SER A 372 21.58 -55.47 -14.30
CA SER A 372 21.47 -54.04 -14.08
C SER A 372 20.12 -53.51 -14.54
N LEU A 373 19.71 -53.87 -15.76
CA LEU A 373 18.42 -53.41 -16.28
C LEU A 373 17.26 -53.95 -15.44
N ARG A 374 17.44 -55.13 -14.83
CA ARG A 374 16.38 -55.67 -13.99
C ARG A 374 16.20 -54.84 -12.72
N MET A 375 17.30 -54.40 -12.12
CA MET A 375 17.22 -53.59 -10.91
C MET A 375 16.89 -52.14 -11.21
N LEU A 376 17.22 -51.66 -12.42
CA LEU A 376 16.84 -50.30 -12.80
C LEU A 376 15.33 -50.19 -12.96
N GLN A 377 14.69 -51.23 -13.50
CA GLN A 377 13.24 -51.22 -13.62
C GLN A 377 12.57 -51.29 -12.25
N GLN A 378 13.21 -51.93 -11.28
CA GLN A 378 12.70 -52.04 -9.92
C GLN A 378 13.12 -50.87 -9.03
N LYS A 379 13.81 -49.88 -9.59
CA LYS A 379 14.28 -48.71 -8.84
C LYS A 379 15.19 -49.13 -7.68
N ARG A 380 16.29 -49.78 -8.04
CA ARG A 380 17.33 -50.20 -7.10
C ARG A 380 18.65 -49.64 -7.63
N TRP A 381 18.98 -48.42 -7.22
CA TRP A 381 20.09 -47.69 -7.84
C TRP A 381 21.44 -48.19 -7.34
N ASP A 382 21.65 -48.18 -6.02
CA ASP A 382 22.95 -48.55 -5.47
C ASP A 382 23.30 -50.00 -5.78
N GLU A 383 22.29 -50.87 -5.92
CA GLU A 383 22.56 -52.25 -6.30
C GLU A 383 22.93 -52.36 -7.77
N ALA A 384 22.28 -51.56 -8.62
CA ALA A 384 22.61 -51.55 -10.04
C ALA A 384 23.98 -50.93 -10.31
N ALA A 385 24.48 -50.09 -9.39
CA ALA A 385 25.78 -49.48 -9.57
C ALA A 385 26.92 -50.47 -9.37
N VAL A 386 26.69 -51.57 -8.65
CA VAL A 386 27.74 -52.54 -8.41
C VAL A 386 27.87 -53.51 -9.59
N ASN A 387 26.75 -53.99 -10.11
CA ASN A 387 26.80 -54.93 -11.23
C ASN A 387 27.28 -54.25 -12.51
N LEU A 388 27.07 -52.94 -12.65
CA LEU A 388 27.62 -52.22 -13.79
C LEU A 388 29.13 -52.10 -13.71
N ALA A 389 29.68 -52.04 -12.49
CA ALA A 389 31.12 -51.98 -12.30
C ALA A 389 31.81 -53.33 -12.48
N LYS A 390 31.04 -54.42 -12.58
CA LYS A 390 31.60 -55.74 -12.77
C LYS A 390 31.67 -56.15 -14.23
N SER A 391 31.08 -55.37 -15.14
CA SER A 391 31.04 -55.72 -16.55
C SER A 391 32.33 -55.31 -17.26
N ARG A 392 32.45 -55.75 -18.51
CA ARG A 392 33.63 -55.41 -19.30
C ARG A 392 33.63 -53.94 -19.72
N TRP A 393 32.45 -53.34 -19.86
CA TRP A 393 32.37 -51.93 -20.23
C TRP A 393 32.99 -51.03 -19.17
N TYR A 394 32.86 -51.41 -17.90
CA TYR A 394 33.48 -50.63 -16.83
C TYR A 394 34.99 -50.74 -16.85
N ASN A 395 35.53 -51.86 -17.36
CA ASN A 395 36.96 -52.09 -17.33
C ASN A 395 37.70 -51.38 -18.46
N GLN A 396 37.02 -51.01 -19.55
CA GLN A 396 37.67 -50.34 -20.65
C GLN A 396 37.58 -48.82 -20.54
N THR A 397 36.48 -48.30 -20.02
CA THR A 397 36.30 -46.87 -19.80
C THR A 397 35.86 -46.63 -18.36
N PRO A 398 36.77 -46.78 -17.41
CA PRO A 398 36.38 -46.60 -16.01
C PRO A 398 36.03 -45.17 -15.64
N ASN A 399 36.72 -44.19 -16.23
CA ASN A 399 36.42 -42.80 -15.93
C ASN A 399 35.05 -42.38 -16.47
N ARG A 400 34.64 -42.95 -17.61
CA ARG A 400 33.32 -42.63 -18.15
C ARG A 400 32.24 -43.46 -17.47
N ALA A 401 32.49 -44.75 -17.23
CA ALA A 401 31.50 -45.60 -16.59
C ALA A 401 31.19 -45.13 -15.17
N LYS A 402 32.20 -44.61 -14.47
CA LYS A 402 31.97 -44.09 -13.13
C LYS A 402 31.01 -42.91 -13.16
N ARG A 403 31.22 -41.96 -14.09
CA ARG A 403 30.31 -40.84 -14.21
C ARG A 403 28.92 -41.28 -14.62
N VAL A 404 28.81 -42.32 -15.45
CA VAL A 404 27.50 -42.87 -15.78
C VAL A 404 26.91 -43.59 -14.57
N ILE A 405 27.74 -44.34 -13.84
CA ILE A 405 27.26 -45.01 -12.64
C ILE A 405 26.86 -43.99 -11.59
N THR A 406 27.68 -42.95 -11.40
CA THR A 406 27.34 -41.90 -10.44
C THR A 406 26.04 -41.21 -10.82
N THR A 407 25.78 -41.06 -12.12
CA THR A 407 24.51 -40.47 -12.55
C THR A 407 23.34 -41.38 -12.24
N PHE A 408 23.52 -42.69 -12.39
CA PHE A 408 22.45 -43.64 -12.07
C PHE A 408 22.20 -43.72 -10.57
N ARG A 409 23.20 -43.41 -9.75
CA ARG A 409 23.04 -43.53 -8.30
C ARG A 409 22.19 -42.39 -7.75
N THR A 410 22.65 -41.15 -7.91
CA THR A 410 21.99 -40.00 -7.30
C THR A 410 20.90 -39.39 -8.17
N GLY A 411 20.95 -39.62 -9.48
CA GLY A 411 19.99 -38.98 -10.37
C GLY A 411 20.22 -37.50 -10.59
N THR A 412 21.39 -36.99 -10.20
CA THR A 412 21.75 -35.60 -10.43
C THR A 412 22.71 -35.49 -11.60
N TRP A 413 23.17 -34.27 -11.87
CA TRP A 413 24.23 -34.03 -12.84
C TRP A 413 25.60 -33.98 -12.20
N ASP A 414 25.80 -34.66 -11.08
CA ASP A 414 27.13 -34.76 -10.49
C ASP A 414 28.07 -35.51 -11.42
N ALA A 415 29.36 -35.27 -11.24
CA ALA A 415 30.45 -35.72 -12.11
C ALA A 415 30.41 -35.03 -13.47
N TYR A 416 29.43 -34.18 -13.73
CA TYR A 416 29.36 -33.33 -14.91
C TYR A 416 29.12 -31.92 -14.39
N ASP A 417 30.19 -31.21 -14.06
CA ASP A 417 30.06 -29.94 -13.35
C ASP A 417 29.43 -28.87 -14.24
N ILE A 418 29.78 -28.86 -15.53
CA ILE A 418 29.24 -27.84 -16.43
C ILE A 418 27.75 -28.07 -16.67
N ILE A 419 27.33 -29.33 -16.80
CA ILE A 419 25.93 -29.63 -17.07
C ILE A 419 25.06 -29.28 -15.86
N GLN A 420 25.59 -29.50 -14.65
CA GLN A 420 24.84 -29.13 -13.45
C GLN A 420 24.66 -27.62 -13.35
N ARG A 421 25.66 -26.84 -13.77
CA ARG A 421 25.50 -25.40 -13.84
C ARG A 421 24.46 -25.00 -14.87
N MET A 422 24.18 -25.86 -15.86
CA MET A 422 23.19 -25.54 -16.87
C MET A 422 21.78 -25.67 -16.33
N HIS A 423 21.52 -26.74 -15.56
CA HIS A 423 20.18 -26.96 -15.01
C HIS A 423 19.72 -25.79 -14.14
N LEU A 424 20.65 -25.13 -13.45
CA LEU A 424 20.28 -24.00 -12.61
C LEU A 424 19.82 -22.81 -13.46
N ARG A 425 20.58 -22.48 -14.50
CA ARG A 425 20.23 -21.33 -15.33
C ARG A 425 19.09 -21.63 -16.29
N GLN A 426 18.91 -22.90 -16.68
CA GLN A 426 17.80 -23.26 -17.56
C GLN A 426 16.48 -23.17 -16.83
N TYR A 427 16.38 -23.80 -15.65
CA TYR A 427 15.12 -23.79 -14.91
C TYR A 427 14.81 -22.41 -14.36
N GLU A 428 15.83 -21.63 -14.02
CA GLU A 428 15.60 -20.27 -13.53
C GLU A 428 14.95 -19.40 -14.60
N LEU A 429 15.35 -19.58 -15.86
CA LEU A 429 14.88 -18.77 -16.98
C LEU A 429 13.73 -19.39 -17.74
N CYS A 430 13.80 -20.69 -18.05
CA CYS A 430 12.77 -21.34 -18.86
C CYS A 430 11.78 -22.15 -18.03
N GLY A 431 12.28 -23.12 -17.27
CA GLY A 431 11.42 -24.02 -16.52
C GLY A 431 11.47 -25.43 -17.07
N THR A 432 10.42 -26.19 -16.75
CA THR A 432 10.35 -27.60 -17.14
C THR A 432 9.59 -27.79 -18.45
N GLY A 433 8.32 -27.39 -18.49
CA GLY A 433 7.48 -27.69 -19.63
C GLY A 433 6.89 -26.49 -20.35
N GLU A 434 5.87 -26.74 -21.17
CA GLU A 434 5.24 -25.67 -21.93
C GLU A 434 4.54 -24.67 -21.01
N HIS A 435 3.92 -25.17 -19.94
CA HIS A 435 3.23 -24.27 -19.01
C HIS A 435 4.20 -23.35 -18.28
N LYS A 436 5.42 -23.83 -18.01
CA LYS A 436 6.41 -23.04 -17.31
C LYS A 436 7.28 -22.20 -18.25
N ALA A 437 7.38 -22.60 -19.51
CA ALA A 437 8.23 -21.86 -20.46
C ALA A 437 7.61 -20.51 -20.81
N LEU A 438 6.37 -20.53 -21.31
CA LEU A 438 5.69 -19.29 -21.66
C LEU A 438 5.37 -18.43 -20.46
N LYS A 439 5.32 -19.01 -19.26
CA LYS A 439 4.99 -18.24 -18.07
C LYS A 439 6.15 -17.36 -17.62
N THR A 440 7.32 -17.96 -17.40
CA THR A 440 8.47 -17.20 -16.93
C THR A 440 8.95 -16.21 -17.99
N LEU A 441 9.13 -16.68 -19.22
CA LEU A 441 9.55 -15.80 -20.30
C LEU A 441 8.50 -14.74 -20.63
N GLY A 442 7.23 -14.99 -20.30
CA GLY A 442 6.18 -14.04 -20.57
C GLY A 442 6.15 -12.86 -19.62
N ILE A 443 6.39 -13.13 -18.33
CA ILE A 443 6.35 -12.06 -17.34
C ILE A 443 7.62 -11.21 -17.40
N ILE A 444 8.73 -11.79 -17.86
CA ILE A 444 9.95 -11.00 -18.02
C ILE A 444 9.82 -10.05 -19.20
N MET A 445 9.23 -10.51 -20.30
CA MET A 445 8.99 -9.65 -21.44
C MET A 445 7.72 -8.81 -21.28
N GLY A 446 6.74 -9.32 -20.54
CA GLY A 446 5.50 -8.58 -20.36
C GLY A 446 5.68 -7.34 -19.51
N THR A 447 6.46 -7.46 -18.42
CA THR A 447 6.70 -6.30 -17.57
C THR A 447 7.51 -5.22 -18.30
N PHE A 448 8.55 -5.63 -19.04
CA PHE A 448 9.32 -4.68 -19.82
C PHE A 448 8.48 -4.06 -20.93
N THR A 449 7.47 -4.78 -21.42
CA THR A 449 6.65 -4.28 -22.52
C THR A 449 5.61 -3.28 -22.02
N LEU A 450 4.74 -3.72 -21.10
CA LEU A 450 3.60 -2.90 -20.68
C LEU A 450 4.02 -1.58 -20.05
N CYS A 451 5.28 -1.43 -19.64
CA CYS A 451 5.73 -0.21 -19.00
C CYS A 451 6.30 0.80 -19.99
N TRP A 452 7.21 0.37 -20.86
CA TRP A 452 7.92 1.29 -21.75
C TRP A 452 7.36 1.33 -23.17
N LEU A 453 6.71 0.27 -23.64
CA LEU A 453 6.14 0.30 -24.99
C LEU A 453 5.04 1.35 -25.12
N PRO A 454 4.06 1.45 -24.23
CA PRO A 454 3.04 2.51 -24.41
C PRO A 454 3.61 3.92 -24.39
N PHE A 455 4.72 4.14 -23.68
CA PHE A 455 5.32 5.47 -23.63
C PHE A 455 6.01 5.82 -24.95
N PHE A 456 6.96 4.99 -25.37
CA PHE A 456 7.74 5.32 -26.56
C PHE A 456 6.89 5.32 -27.82
N ILE A 457 5.85 4.48 -27.87
CA ILE A 457 4.90 4.55 -28.98
C ILE A 457 4.20 5.91 -28.98
N VAL A 458 3.70 6.33 -27.81
CA VAL A 458 3.11 7.65 -27.68
C VAL A 458 4.15 8.73 -27.93
N ASN A 459 5.38 8.50 -27.47
CA ASN A 459 6.45 9.48 -27.68
C ASN A 459 6.76 9.67 -29.16
N ILE A 460 6.79 8.57 -29.92
CA ILE A 460 7.08 8.66 -31.35
C ILE A 460 5.87 9.21 -32.11
N VAL A 461 4.67 8.78 -31.73
CA VAL A 461 3.47 9.27 -32.41
C VAL A 461 3.27 10.76 -32.18
N HIS A 462 3.71 11.28 -31.02
CA HIS A 462 3.60 12.70 -30.76
C HIS A 462 4.38 13.52 -31.78
N VAL A 463 5.55 13.03 -32.20
CA VAL A 463 6.35 13.74 -33.18
C VAL A 463 5.67 13.73 -34.55
N ILE A 464 4.77 12.78 -34.80
CA ILE A 464 4.09 12.72 -36.09
C ILE A 464 3.14 13.91 -36.24
N GLN A 465 2.29 14.13 -35.24
CA GLN A 465 1.34 15.23 -35.27
C GLN A 465 1.34 15.93 -33.91
N ASP A 466 1.51 17.25 -33.94
CA ASP A 466 1.52 18.03 -32.70
C ASP A 466 0.13 18.08 -32.08
N ASN A 467 0.09 18.23 -30.75
CA ASN A 467 -1.12 18.32 -29.95
C ASN A 467 -1.97 17.05 -30.00
N LEU A 468 -1.48 15.98 -30.65
CA LEU A 468 -2.23 14.73 -30.73
C LEU A 468 -2.16 13.92 -29.45
N ILE A 469 -1.14 14.13 -28.63
CA ILE A 469 -0.96 13.41 -27.38
C ILE A 469 -1.11 14.40 -26.23
N ARG A 470 -1.96 14.05 -25.27
CA ARG A 470 -2.16 14.90 -24.10
C ARG A 470 -0.95 14.84 -23.19
N LYS A 471 -0.65 15.98 -22.55
CA LYS A 471 0.52 16.05 -21.68
C LYS A 471 0.35 15.17 -20.44
N GLU A 472 -0.85 15.15 -19.86
CA GLU A 472 -1.08 14.36 -18.66
C GLU A 472 -0.93 12.87 -18.94
N VAL A 473 -1.36 12.42 -20.12
CA VAL A 473 -1.17 11.03 -20.49
C VAL A 473 0.31 10.74 -20.75
N TYR A 474 1.02 11.72 -21.31
CA TYR A 474 2.45 11.54 -21.58
C TYR A 474 3.24 11.36 -20.29
N ILE A 475 2.86 12.09 -19.23
CA ILE A 475 3.55 11.96 -17.95
C ILE A 475 3.21 10.63 -17.31
N LEU A 476 1.94 10.21 -17.37
CA LEU A 476 1.53 8.95 -16.75
C LEU A 476 2.23 7.77 -17.39
N LEU A 477 2.35 7.76 -18.72
CA LEU A 477 2.99 6.65 -19.40
C LEU A 477 4.49 6.61 -19.14
N ASN A 478 5.13 7.78 -18.98
CA ASN A 478 6.52 7.80 -18.56
C ASN A 478 6.64 7.29 -17.13
N TRP A 479 5.69 7.69 -16.27
CA TRP A 479 5.70 7.22 -14.88
C TRP A 479 5.49 5.72 -14.78
N ILE A 480 4.69 5.14 -15.68
CA ILE A 480 4.54 3.69 -15.71
C ILE A 480 5.87 3.02 -16.02
N GLY A 481 6.73 3.70 -16.79
CA GLY A 481 8.06 3.19 -17.04
C GLY A 481 8.91 3.10 -15.79
N TYR A 482 8.74 4.05 -14.86
CA TYR A 482 9.48 3.99 -13.60
C TYR A 482 9.15 2.73 -12.82
N VAL A 483 7.88 2.33 -12.83
CA VAL A 483 7.44 1.17 -12.06
C VAL A 483 8.18 -0.09 -12.50
N ASN A 484 8.64 -0.13 -13.75
CA ASN A 484 9.45 -1.25 -14.22
C ASN A 484 10.77 -1.31 -13.47
N SER A 485 11.30 -0.16 -13.03
CA SER A 485 12.52 -0.16 -12.23
C SER A 485 12.34 -0.79 -10.86
N GLY A 486 11.09 -0.89 -10.39
CA GLY A 486 10.82 -1.52 -9.12
C GLY A 486 10.45 -2.99 -9.25
N PHE A 487 10.03 -3.39 -10.46
CA PHE A 487 9.68 -4.79 -10.70
C PHE A 487 10.91 -5.63 -11.00
N ASN A 488 11.94 -5.05 -11.59
CA ASN A 488 13.15 -5.80 -11.92
C ASN A 488 13.79 -6.49 -10.71
N PRO A 489 13.86 -5.89 -9.52
CA PRO A 489 14.40 -6.64 -8.37
C PRO A 489 13.61 -7.91 -8.05
N LEU A 490 12.32 -7.96 -8.41
CA LEU A 490 11.48 -9.13 -8.14
C LEU A 490 11.22 -9.95 -9.40
N ILE A 491 12.07 -9.82 -10.42
CA ILE A 491 11.93 -10.57 -11.67
C ILE A 491 13.20 -11.36 -11.98
N TYR A 492 14.35 -10.70 -11.97
CA TYR A 492 15.62 -11.32 -12.32
C TYR A 492 16.37 -11.88 -11.11
N CYS A 493 15.84 -11.69 -9.90
CA CYS A 493 16.48 -12.17 -8.68
C CYS A 493 15.76 -13.39 -8.11
N ARG A 494 15.27 -14.26 -8.99
CA ARG A 494 14.63 -15.50 -8.58
C ARG A 494 15.63 -16.66 -8.48
N SER A 495 16.93 -16.36 -8.50
CA SER A 495 17.94 -17.40 -8.39
C SER A 495 17.89 -18.05 -7.00
N PRO A 496 18.22 -19.34 -6.91
CA PRO A 496 18.26 -19.98 -5.59
C PRO A 496 19.19 -19.30 -4.61
N ASP A 497 20.36 -18.84 -5.08
CA ASP A 497 21.25 -18.08 -4.21
C ASP A 497 20.65 -16.74 -3.83
N PHE A 498 19.87 -16.13 -4.72
CA PHE A 498 19.16 -14.90 -4.37
C PHE A 498 18.10 -15.15 -3.31
N ARG A 499 17.44 -16.31 -3.37
CA ARG A 499 16.44 -16.64 -2.36
C ARG A 499 17.10 -16.87 -0.99
N ILE A 500 18.30 -17.45 -0.99
CA ILE A 500 19.03 -17.62 0.27
C ILE A 500 19.52 -16.28 0.80
N ALA A 501 19.97 -15.40 -0.10
CA ALA A 501 20.48 -14.11 0.32
C ALA A 501 19.35 -13.20 0.80
N PHE A 502 18.20 -13.24 0.12
CA PHE A 502 17.09 -12.37 0.51
C PHE A 502 16.50 -12.79 1.84
N GLN A 503 16.38 -14.10 2.09
CA GLN A 503 15.80 -14.57 3.34
C GLN A 503 16.74 -14.42 4.52
N GLU A 504 18.04 -14.22 4.28
CA GLU A 504 18.98 -14.06 5.37
C GLU A 504 19.16 -12.60 5.78
N LEU A 505 19.10 -11.68 4.81
CA LEU A 505 19.21 -10.26 5.13
C LEU A 505 17.96 -9.74 5.84
N LEU A 506 16.82 -10.39 5.66
CA LEU A 506 15.57 -9.99 6.30
C LEU A 506 15.27 -10.81 7.55
N CYS A 507 16.21 -11.66 7.98
CA CYS A 507 16.06 -12.49 9.18
C CYS A 507 14.84 -13.41 9.07
N LEU A 508 14.75 -14.11 7.94
CA LEU A 508 13.65 -15.03 7.67
C LEU A 508 14.13 -16.45 7.95
N ARG A 509 13.55 -17.07 8.98
CA ARG A 509 13.89 -18.44 9.38
C ARG A 509 15.39 -18.60 9.63
N PHE B 34 9.36 -34.47 -16.05
CA PHE B 34 9.33 -35.76 -15.36
C PHE B 34 10.65 -36.04 -14.66
N LEU B 35 11.38 -34.98 -14.34
CA LEU B 35 12.67 -35.13 -13.67
C LEU B 35 12.47 -35.45 -12.20
N LEU B 36 13.48 -36.09 -11.62
CA LEU B 36 13.47 -36.42 -10.19
C LEU B 36 13.72 -35.13 -9.40
N ALA B 37 13.87 -35.26 -8.07
CA ALA B 37 14.12 -34.11 -7.20
C ALA B 37 15.31 -34.32 -6.27
N PRO B 38 16.48 -34.69 -6.78
CA PRO B 38 17.70 -34.64 -5.97
C PRO B 38 18.57 -33.41 -6.23
N ASN B 39 18.12 -32.47 -7.06
CA ASN B 39 18.97 -31.36 -7.49
C ASN B 39 19.25 -30.41 -6.33
N ARG B 40 20.52 -30.04 -6.18
CA ARG B 40 20.90 -29.07 -5.17
C ARG B 40 20.35 -27.69 -5.52
N SER B 41 20.06 -26.90 -4.48
CA SER B 41 19.46 -25.57 -4.63
C SER B 41 18.13 -25.63 -5.38
N HIS B 42 17.40 -26.73 -5.20
CA HIS B 42 16.12 -26.92 -5.86
C HIS B 42 15.18 -27.66 -4.92
N ALA B 43 13.96 -27.15 -4.76
CA ALA B 43 12.98 -27.75 -3.89
C ALA B 43 12.52 -29.09 -4.44
N PRO B 44 11.81 -29.89 -3.62
CA PRO B 44 11.20 -31.12 -4.13
C PRO B 44 10.41 -30.88 -5.41
N ASP B 45 10.31 -31.92 -6.23
CA ASP B 45 9.73 -31.84 -7.57
C ASP B 45 10.44 -30.80 -8.43
N HIS B 46 11.74 -30.61 -8.18
CA HIS B 46 12.54 -29.60 -8.87
C HIS B 46 11.91 -28.21 -8.74
N ASP B 47 11.37 -27.94 -7.55
CA ASP B 47 10.70 -26.67 -7.26
C ASP B 47 9.54 -26.41 -8.23
N VAL B 48 8.81 -27.48 -8.56
CA VAL B 48 7.67 -27.41 -9.46
C VAL B 48 6.49 -28.10 -8.80
N THR B 49 5.37 -28.17 -9.53
CA THR B 49 4.13 -28.77 -9.07
C THR B 49 3.58 -28.10 -7.80
N GLN B 50 4.00 -26.87 -7.54
CA GLN B 50 3.54 -26.12 -6.37
C GLN B 50 3.60 -24.64 -6.72
N GLN B 51 2.44 -24.06 -7.04
CA GLN B 51 2.39 -22.66 -7.42
C GLN B 51 2.77 -21.76 -6.24
N ARG B 52 3.61 -20.75 -6.52
CA ARG B 52 4.05 -19.85 -5.46
C ARG B 52 3.00 -18.80 -5.12
N ASP B 53 2.24 -18.34 -6.10
CA ASP B 53 1.19 -17.33 -5.89
C ASP B 53 1.78 -16.05 -5.29
N GLU B 54 2.99 -15.71 -5.74
CA GLU B 54 3.69 -14.55 -5.18
C GLU B 54 3.06 -13.24 -5.66
N VAL B 55 2.44 -13.24 -6.85
CA VAL B 55 1.74 -12.05 -7.32
C VAL B 55 0.65 -11.66 -6.33
N TRP B 56 -0.06 -12.64 -5.78
CA TRP B 56 -1.02 -12.37 -4.72
C TRP B 56 -0.34 -11.77 -3.50
N VAL B 57 0.86 -12.26 -3.17
CA VAL B 57 1.58 -11.74 -2.01
C VAL B 57 1.99 -10.29 -2.23
N VAL B 58 2.54 -9.99 -3.41
CA VAL B 58 2.91 -8.61 -3.73
C VAL B 58 1.67 -7.75 -3.82
N GLY B 59 0.58 -8.28 -4.37
CA GLY B 59 -0.67 -7.54 -4.40
C GLY B 59 -1.16 -7.18 -3.01
N MET B 60 -1.03 -8.11 -2.06
CA MET B 60 -1.30 -7.78 -0.67
C MET B 60 -0.30 -6.77 -0.13
N GLY B 61 0.96 -6.85 -0.60
CA GLY B 61 1.97 -5.94 -0.12
C GLY B 61 1.69 -4.49 -0.46
N ILE B 62 1.18 -4.24 -1.66
CA ILE B 62 0.88 -2.86 -2.05
C ILE B 62 -0.36 -2.35 -1.33
N VAL B 63 -1.28 -3.24 -0.97
CA VAL B 63 -2.48 -2.80 -0.26
C VAL B 63 -2.15 -2.47 1.18
N MET B 64 -1.32 -3.29 1.83
CA MET B 64 -0.90 -2.99 3.19
C MET B 64 -0.06 -1.72 3.24
N SER B 65 0.90 -1.59 2.31
CA SER B 65 1.75 -0.41 2.29
C SER B 65 1.00 0.85 1.94
N LEU B 66 -0.02 0.74 1.07
CA LEU B 66 -0.85 1.90 0.75
C LEU B 66 -1.63 2.37 1.98
N ILE B 67 -2.16 1.43 2.76
CA ILE B 67 -2.87 1.80 3.98
C ILE B 67 -1.92 2.44 4.97
N VAL B 68 -0.70 1.91 5.09
CA VAL B 68 0.28 2.49 6.00
C VAL B 68 0.62 3.91 5.59
N LEU B 69 0.88 4.12 4.29
CA LEU B 69 1.26 5.44 3.81
C LEU B 69 0.10 6.43 3.95
N ALA B 70 -1.14 5.98 3.70
CA ALA B 70 -2.27 6.88 3.83
C ALA B 70 -2.50 7.31 5.27
N ILE B 71 -2.33 6.38 6.21
CA ILE B 71 -2.51 6.72 7.63
C ILE B 71 -1.42 7.68 8.09
N VAL B 72 -0.16 7.41 7.71
CA VAL B 72 0.94 8.27 8.12
C VAL B 72 0.81 9.65 7.50
N PHE B 73 0.64 9.72 6.17
CA PHE B 73 0.65 10.99 5.48
C PHE B 73 -0.49 11.90 5.94
N GLY B 74 -1.69 11.34 6.09
CA GLY B 74 -2.82 12.15 6.48
C GLY B 74 -2.68 12.72 7.89
N ASN B 75 -2.23 11.89 8.83
CA ASN B 75 -2.14 12.33 10.22
C ASN B 75 -0.95 13.28 10.44
N VAL B 76 0.17 13.04 9.77
CA VAL B 76 1.30 13.96 9.87
C VAL B 76 0.90 15.35 9.39
N LEU B 77 0.13 15.40 8.29
CA LEU B 77 -0.35 16.69 7.79
C LEU B 77 -1.24 17.38 8.81
N VAL B 78 -2.07 16.62 9.53
CA VAL B 78 -2.96 17.21 10.53
C VAL B 78 -2.14 17.82 11.66
N ILE B 79 -1.05 17.18 12.06
CA ILE B 79 -0.21 17.71 13.13
C ILE B 79 0.41 19.03 12.70
N THR B 80 0.99 19.07 11.50
CA THR B 80 1.64 20.29 11.03
C THR B 80 0.64 21.41 10.77
N ALA B 81 -0.60 21.05 10.37
CA ALA B 81 -1.60 22.07 10.12
C ALA B 81 -1.97 22.83 11.38
N ILE B 82 -2.14 22.12 12.50
CA ILE B 82 -2.45 22.78 13.76
C ILE B 82 -1.22 23.49 14.32
N ALA B 83 -0.03 23.00 13.99
CA ALA B 83 1.19 23.58 14.55
C ALA B 83 1.66 24.80 13.76
N LYS B 84 1.50 24.79 12.44
CA LYS B 84 2.04 25.84 11.58
C LYS B 84 0.97 26.82 11.10
N PHE B 85 -0.09 27.01 11.87
CA PHE B 85 -1.13 27.97 11.54
C PHE B 85 -1.55 28.71 12.79
N GLU B 86 -1.66 30.04 12.67
CA GLU B 86 -1.94 30.88 13.83
C GLU B 86 -3.30 30.58 14.44
N ARG B 87 -4.37 30.81 13.68
CA ARG B 87 -5.73 30.66 14.20
C ARG B 87 -6.27 29.26 13.96
N LEU B 88 -5.52 28.25 14.38
CA LEU B 88 -5.97 26.87 14.29
C LEU B 88 -5.59 26.07 15.53
N GLN B 89 -5.06 26.72 16.56
CA GLN B 89 -4.62 26.06 17.79
C GLN B 89 -5.65 26.20 18.91
N THR B 90 -6.93 26.16 18.57
CA THR B 90 -7.99 26.30 19.55
C THR B 90 -7.95 25.15 20.56
N VAL B 91 -8.65 25.34 21.68
CA VAL B 91 -8.68 24.34 22.73
C VAL B 91 -9.34 23.06 22.23
N THR B 92 -10.32 23.18 21.33
CA THR B 92 -10.91 22.00 20.73
C THR B 92 -9.90 21.23 19.88
N ASN B 93 -8.99 21.96 19.21
CA ASN B 93 -7.97 21.31 18.40
C ASN B 93 -6.92 20.60 19.24
N TYR B 94 -6.80 20.95 20.52
CA TYR B 94 -5.87 20.22 21.39
C TYR B 94 -6.30 18.78 21.58
N PHE B 95 -7.61 18.51 21.50
CA PHE B 95 -8.08 17.13 21.61
C PHE B 95 -7.79 16.35 20.34
N ILE B 96 -8.11 16.94 19.18
CA ILE B 96 -7.86 16.25 17.91
C ILE B 96 -6.37 16.15 17.62
N THR B 97 -5.54 16.99 18.23
CA THR B 97 -4.11 16.85 18.07
C THR B 97 -3.62 15.54 18.69
N SER B 98 -4.12 15.20 19.87
CA SER B 98 -3.79 13.91 20.47
C SER B 98 -4.41 12.76 19.72
N LEU B 99 -5.56 13.00 19.07
CA LEU B 99 -6.16 11.96 18.23
C LEU B 99 -5.26 11.61 17.05
N ALA B 100 -4.71 12.62 16.39
CA ALA B 100 -3.82 12.38 15.26
C ALA B 100 -2.47 11.83 15.70
N CYS B 101 -2.11 11.96 16.97
CA CYS B 101 -0.89 11.36 17.47
C CYS B 101 -1.06 9.84 17.65
N ALA B 102 -2.17 9.42 18.24
CA ALA B 102 -2.43 7.99 18.40
C ALA B 102 -2.61 7.30 17.05
N ASP B 103 -3.18 8.00 16.08
CA ASP B 103 -3.33 7.44 14.74
C ASP B 103 -2.03 7.45 13.95
N LEU B 104 -1.09 8.36 14.29
CA LEU B 104 0.19 8.39 13.61
C LEU B 104 1.09 7.26 14.07
N VAL B 105 1.26 7.09 15.39
CA VAL B 105 2.04 5.98 15.91
C VAL B 105 1.45 4.65 15.45
N MET B 106 0.14 4.62 15.19
CA MET B 106 -0.47 3.45 14.58
C MET B 106 0.18 3.13 13.24
N GLY B 107 0.16 4.09 12.32
CA GLY B 107 0.73 3.89 11.00
C GLY B 107 2.24 3.85 10.95
N LEU B 108 2.92 4.18 12.05
CA LEU B 108 4.38 4.18 12.08
C LEU B 108 4.96 2.86 12.55
N ALA B 109 4.41 2.29 13.62
CA ALA B 109 4.94 1.06 14.20
C ALA B 109 3.93 -0.07 14.29
N VAL B 110 2.63 0.23 14.39
CA VAL B 110 1.64 -0.83 14.57
C VAL B 110 1.33 -1.51 13.24
N VAL B 111 0.86 -0.75 12.26
CA VAL B 111 0.43 -1.29 10.98
C VAL B 111 1.61 -1.79 10.14
N PRO B 112 2.74 -1.06 10.06
CA PRO B 112 3.88 -1.61 9.28
C PRO B 112 4.38 -2.95 9.79
N PHE B 113 4.63 -3.07 11.09
CA PHE B 113 5.09 -4.34 11.63
C PHE B 113 4.01 -5.40 11.57
N GLY B 114 2.73 -5.00 11.67
CA GLY B 114 1.65 -5.96 11.48
C GLY B 114 1.55 -6.43 10.05
N ALA B 115 1.80 -5.53 9.09
CA ALA B 115 1.83 -5.93 7.69
C ALA B 115 3.03 -6.81 7.39
N ALA B 116 4.19 -6.46 7.95
CA ALA B 116 5.39 -7.29 7.76
C ALA B 116 5.22 -8.66 8.41
N HIS B 117 4.43 -8.75 9.48
CA HIS B 117 4.19 -10.04 10.11
C HIS B 117 3.35 -10.95 9.23
N ILE B 118 2.36 -10.37 8.55
CA ILE B 118 1.50 -11.18 7.68
C ILE B 118 2.22 -11.55 6.38
N LEU B 119 3.00 -10.62 5.83
CA LEU B 119 3.75 -10.92 4.62
C LEU B 119 4.83 -11.97 4.87
N THR B 120 5.40 -12.00 6.06
CA THR B 120 6.42 -12.97 6.41
C THR B 120 5.83 -14.25 7.00
N LYS B 121 4.68 -14.15 7.65
CA LYS B 121 3.99 -15.23 8.37
C LYS B 121 4.72 -15.65 9.63
N THR B 122 5.86 -15.05 9.95
CA THR B 122 6.60 -15.33 11.16
C THR B 122 7.14 -14.03 11.74
N TRP B 123 7.33 -14.01 13.05
CA TRP B 123 7.91 -12.86 13.73
C TRP B 123 9.42 -12.99 13.76
N THR B 124 10.11 -11.87 13.51
CA THR B 124 11.55 -11.87 13.36
C THR B 124 12.30 -11.07 14.41
N PHE B 125 11.60 -10.29 15.24
CA PHE B 125 12.24 -9.43 16.22
C PHE B 125 12.26 -10.05 17.62
N GLY B 126 12.03 -11.35 17.72
CA GLY B 126 12.06 -12.04 19.00
C GLY B 126 10.81 -11.79 19.83
N ASN B 127 10.63 -12.66 20.83
CA ASN B 127 9.46 -12.55 21.70
C ASN B 127 9.56 -11.37 22.65
N PHE B 128 10.77 -10.88 22.92
CA PHE B 128 10.92 -9.73 23.81
C PHE B 128 10.38 -8.46 23.17
N TRP B 129 10.52 -8.32 21.85
CA TRP B 129 10.03 -7.12 21.18
C TRP B 129 8.56 -7.20 20.82
N CYS B 130 8.00 -8.41 20.68
CA CYS B 130 6.58 -8.50 20.37
C CYS B 130 5.72 -8.12 21.57
N GLU B 131 6.21 -8.38 22.78
CA GLU B 131 5.55 -7.83 23.97
C GLU B 131 5.59 -6.31 23.96
N PHE B 132 6.61 -5.72 23.32
CA PHE B 132 6.68 -4.27 23.18
C PHE B 132 5.79 -3.78 22.05
N TRP B 133 5.77 -4.50 20.92
CA TRP B 133 4.93 -4.08 19.80
C TRP B 133 3.46 -4.26 20.12
N THR B 134 3.10 -5.33 20.83
CA THR B 134 1.71 -5.52 21.24
C THR B 134 1.24 -4.40 22.16
N SER B 135 2.12 -3.93 23.04
CA SER B 135 1.76 -2.84 23.94
C SER B 135 1.55 -1.55 23.16
N ILE B 136 2.37 -1.30 22.13
CA ILE B 136 2.19 -0.10 21.33
C ILE B 136 0.86 -0.13 20.59
N ASP B 137 0.50 -1.29 20.04
CA ASP B 137 -0.75 -1.40 19.32
C ASP B 137 -1.91 -1.15 20.25
N VAL B 138 -1.89 -1.76 21.44
CA VAL B 138 -2.97 -1.56 22.39
C VAL B 138 -3.02 -0.11 22.85
N LEU B 139 -1.84 0.48 23.11
CA LEU B 139 -1.79 1.86 23.60
C LEU B 139 -2.39 2.83 22.58
N CYS B 140 -2.09 2.63 21.29
CA CYS B 140 -2.60 3.55 20.27
C CYS B 140 -4.10 3.38 20.06
N VAL B 141 -4.62 2.16 20.20
CA VAL B 141 -6.04 1.93 19.93
C VAL B 141 -6.90 2.58 21.00
N THR B 142 -6.67 2.22 22.27
CA THR B 142 -7.52 2.73 23.35
C THR B 142 -7.34 4.23 23.54
N ALA B 143 -6.15 4.76 23.26
CA ALA B 143 -5.97 6.21 23.35
C ALA B 143 -6.70 6.93 22.22
N SER B 144 -6.78 6.31 21.03
CA SER B 144 -7.50 6.93 19.92
C SER B 144 -9.01 6.89 20.15
N ILE B 145 -9.53 5.75 20.62
CA ILE B 145 -10.97 5.63 20.83
C ILE B 145 -11.41 6.49 22.00
N GLU B 146 -10.60 6.55 23.07
CA GLU B 146 -10.93 7.45 24.17
C GLU B 146 -10.91 8.91 23.74
N THR B 147 -9.96 9.27 22.88
CA THR B 147 -9.92 10.63 22.36
C THR B 147 -11.14 10.93 21.51
N LEU B 148 -11.61 9.95 20.73
CA LEU B 148 -12.86 10.11 20.00
C LEU B 148 -14.02 10.34 20.96
N CYS B 149 -13.99 9.68 22.12
CA CYS B 149 -14.99 9.94 23.15
C CYS B 149 -14.79 11.33 23.77
N VAL B 150 -13.53 11.76 23.89
CA VAL B 150 -13.26 13.11 24.40
C VAL B 150 -13.78 14.16 23.44
N ILE B 151 -13.58 13.96 22.14
CA ILE B 151 -14.13 14.87 21.15
C ILE B 151 -15.66 14.85 21.19
N ALA B 152 -16.24 13.69 21.50
CA ALA B 152 -17.69 13.61 21.65
C ALA B 152 -18.16 14.42 22.86
N VAL B 153 -17.47 14.29 23.99
CA VAL B 153 -17.83 15.05 25.17
C VAL B 153 -17.53 16.53 24.97
N ASP B 154 -16.46 16.84 24.23
CA ASP B 154 -16.16 18.24 23.91
C ASP B 154 -17.29 18.86 23.09
N ARG B 155 -17.76 18.15 22.07
CA ARG B 155 -18.91 18.61 21.29
C ARG B 155 -20.20 18.55 22.10
N TYR B 156 -20.24 17.75 23.16
CA TYR B 156 -21.44 17.65 23.98
C TYR B 156 -21.66 18.93 24.79
N PHE B 157 -20.63 19.34 25.55
CA PHE B 157 -20.75 20.53 26.38
C PHE B 157 -20.86 21.81 25.56
N ALA B 158 -20.46 21.78 24.28
CA ALA B 158 -20.54 22.97 23.45
C ALA B 158 -21.98 23.36 23.11
N ILE B 159 -22.92 22.43 23.22
CA ILE B 159 -24.31 22.70 22.91
C ILE B 159 -25.22 22.63 24.13
N THR B 160 -24.79 21.97 25.21
CA THR B 160 -25.63 21.88 26.40
C THR B 160 -25.49 23.12 27.28
N SER B 161 -24.27 23.42 27.73
CA SER B 161 -23.99 24.56 28.59
C SER B 161 -22.81 25.32 28.01
N PRO B 162 -23.06 26.34 27.18
CA PRO B 162 -21.93 27.09 26.59
C PRO B 162 -21.16 27.92 27.60
N PHE B 163 -21.83 28.45 28.63
CA PHE B 163 -21.13 29.22 29.65
C PHE B 163 -20.15 28.34 30.43
N LYS B 164 -20.59 27.14 30.81
CA LYS B 164 -19.69 26.21 31.48
C LYS B 164 -18.63 25.65 30.54
N TYR B 165 -18.84 25.76 29.22
CA TYR B 165 -17.90 25.23 28.25
C TYR B 165 -16.87 26.27 27.82
N GLN B 166 -17.28 27.51 27.62
CA GLN B 166 -16.40 28.58 27.17
C GLN B 166 -15.64 29.25 28.31
N SER B 167 -15.82 28.80 29.55
CA SER B 167 -15.14 29.40 30.69
C SER B 167 -14.37 28.37 31.53
N LEU B 168 -14.87 27.15 31.65
CA LEU B 168 -14.20 26.14 32.46
C LEU B 168 -13.25 25.27 31.64
N LEU B 169 -13.63 24.92 30.40
CA LEU B 169 -12.76 24.14 29.53
C LEU B 169 -11.62 25.01 29.01
N THR B 170 -10.49 24.98 29.70
CA THR B 170 -9.34 25.81 29.39
C THR B 170 -8.19 24.95 28.88
N LYS B 171 -7.04 25.59 28.65
CA LYS B 171 -5.87 24.87 28.16
C LYS B 171 -5.36 23.86 29.19
N ASN B 172 -5.44 24.21 30.48
CA ASN B 172 -4.98 23.30 31.52
C ASN B 172 -5.88 22.07 31.62
N LYS B 173 -7.20 22.29 31.63
CA LYS B 173 -8.14 21.16 31.68
C LYS B 173 -8.08 20.33 30.42
N ALA B 174 -7.65 20.91 29.29
CA ALA B 174 -7.48 20.11 28.07
C ALA B 174 -6.31 19.15 28.20
N ARG B 175 -5.18 19.63 28.72
CA ARG B 175 -4.02 18.75 28.90
C ARG B 175 -4.29 17.69 29.95
N VAL B 176 -5.01 18.03 31.02
CA VAL B 176 -5.34 17.05 32.05
C VAL B 176 -6.18 15.93 31.45
N ILE B 177 -7.15 16.27 30.61
CA ILE B 177 -7.95 15.24 29.94
C ILE B 177 -7.07 14.40 29.02
N ILE B 178 -6.19 15.06 28.25
CA ILE B 178 -5.30 14.32 27.37
C ILE B 178 -4.35 13.44 28.18
N LEU B 179 -3.78 13.99 29.25
CA LEU B 179 -2.87 13.21 30.08
C LEU B 179 -3.57 12.00 30.69
N MET B 180 -4.76 12.21 31.26
CA MET B 180 -5.50 11.11 31.86
C MET B 180 -5.92 10.08 30.81
N VAL B 181 -6.17 10.52 29.58
CA VAL B 181 -6.49 9.57 28.52
C VAL B 181 -5.27 8.69 28.21
N TRP B 182 -4.09 9.30 28.12
CA TRP B 182 -2.89 8.52 27.86
C TRP B 182 -2.49 7.68 29.07
N ILE B 183 -2.83 8.12 30.29
CA ILE B 183 -2.50 7.35 31.48
C ILE B 183 -3.41 6.13 31.60
N VAL B 184 -4.71 6.34 31.45
CA VAL B 184 -5.65 5.21 31.48
C VAL B 184 -5.36 4.25 30.34
N SER B 185 -5.02 4.78 29.16
CA SER B 185 -4.64 3.93 28.05
C SER B 185 -3.31 3.23 28.32
N GLY B 186 -2.38 3.92 28.95
CA GLY B 186 -1.10 3.30 29.28
C GLY B 186 -1.20 2.27 30.39
N LEU B 187 -2.15 2.45 31.30
CA LEU B 187 -2.32 1.51 32.41
C LEU B 187 -2.94 0.19 31.96
N THR B 188 -3.48 0.13 30.74
CA THR B 188 -4.06 -1.11 30.20
C THR B 188 -3.31 -1.61 28.98
N SER B 189 -2.18 -0.99 28.63
CA SER B 189 -1.41 -1.39 27.46
C SER B 189 -0.04 -1.93 27.81
N PHE B 190 0.77 -1.18 28.56
CA PHE B 190 2.13 -1.60 28.89
C PHE B 190 2.17 -2.39 30.20
N LEU B 191 1.67 -1.78 31.29
CA LEU B 191 1.77 -2.42 32.60
C LEU B 191 1.15 -3.81 32.65
N PRO B 192 -0.03 -4.07 32.09
CA PRO B 192 -0.52 -5.46 32.12
C PRO B 192 0.21 -6.38 31.17
N ILE B 193 0.78 -5.86 30.09
CA ILE B 193 1.50 -6.70 29.12
C ILE B 193 2.96 -6.89 29.53
N GLN B 194 3.62 -5.82 29.99
CA GLN B 194 5.01 -5.94 30.43
C GLN B 194 5.15 -6.82 31.66
N MET B 195 4.08 -6.99 32.45
CA MET B 195 4.12 -7.83 33.63
C MET B 195 3.41 -9.17 33.43
N HIS B 196 3.10 -9.52 32.19
CA HIS B 196 2.51 -10.81 31.83
C HIS B 196 1.14 -11.03 32.47
N TRP B 197 0.43 -9.96 32.81
CA TRP B 197 -0.91 -10.11 33.37
C TRP B 197 -1.93 -10.57 32.33
N TYR B 198 -1.64 -10.37 31.05
CA TYR B 198 -2.56 -10.75 29.99
C TYR B 198 -2.38 -12.19 29.52
N ARG B 199 -1.23 -12.80 29.79
CA ARG B 199 -0.93 -14.12 29.26
C ARG B 199 -1.93 -15.16 29.75
N ALA B 200 -2.49 -15.92 28.81
CA ALA B 200 -3.41 -16.99 29.13
C ALA B 200 -2.65 -18.31 29.31
N THR B 201 -3.28 -19.23 30.05
CA THR B 201 -2.69 -20.54 30.33
C THR B 201 -3.05 -21.58 29.28
N HIS B 202 -3.41 -21.15 28.07
CA HIS B 202 -3.78 -22.07 27.01
C HIS B 202 -2.57 -22.87 26.55
N GLN B 203 -2.84 -24.06 26.00
CA GLN B 203 -1.76 -24.93 25.54
C GLN B 203 -0.98 -24.30 24.39
N GLU B 204 -1.70 -23.83 23.37
CA GLU B 204 -1.03 -23.21 22.22
C GLU B 204 -0.32 -21.92 22.61
N ALA B 205 -0.80 -21.24 23.65
CA ALA B 205 -0.15 -20.01 24.09
C ALA B 205 1.22 -20.31 24.69
N ILE B 206 1.37 -21.44 25.38
CA ILE B 206 2.65 -21.76 26.01
C ILE B 206 3.72 -21.99 24.97
N ASN B 207 3.38 -22.66 23.87
CA ASN B 207 4.36 -22.93 22.82
C ASN B 207 4.73 -21.66 22.07
N CYS B 208 3.79 -20.72 21.92
CA CYS B 208 4.07 -19.52 21.14
C CYS B 208 4.74 -18.43 21.98
N TYR B 209 4.53 -18.45 23.30
CA TYR B 209 5.21 -17.48 24.16
C TYR B 209 6.70 -17.75 24.24
N ALA B 210 7.12 -19.01 24.21
CA ALA B 210 8.54 -19.33 24.28
C ALA B 210 9.20 -19.25 22.91
N GLU B 211 8.46 -19.51 21.84
CA GLU B 211 9.03 -19.45 20.50
C GLU B 211 9.29 -17.99 20.12
N GLU B 212 10.53 -17.70 19.76
CA GLU B 212 10.92 -16.35 19.37
C GLU B 212 10.46 -15.97 17.96
N THR B 213 9.93 -16.93 17.20
CA THR B 213 9.42 -16.66 15.86
C THR B 213 7.91 -16.73 15.78
N CYS B 214 7.23 -17.02 16.89
CA CYS B 214 5.78 -17.02 16.96
C CYS B 214 5.31 -15.88 17.86
N CYS B 215 4.25 -15.19 17.43
CA CYS B 215 3.64 -14.17 18.28
C CYS B 215 2.18 -14.02 17.85
N ASP B 216 1.28 -14.64 18.60
CA ASP B 216 -0.15 -14.45 18.46
C ASP B 216 -0.70 -13.91 19.77
N PHE B 217 -1.94 -13.43 19.72
CA PHE B 217 -2.56 -12.77 20.87
C PHE B 217 -3.46 -13.76 21.59
N PHE B 218 -2.98 -14.27 22.72
CA PHE B 218 -3.76 -15.14 23.61
C PHE B 218 -3.89 -14.44 24.95
N THR B 219 -5.12 -14.21 25.39
CA THR B 219 -5.37 -13.52 26.64
C THR B 219 -6.40 -14.29 27.47
N ASN B 220 -6.29 -14.12 28.79
CA ASN B 220 -7.27 -14.68 29.70
C ASN B 220 -8.59 -13.91 29.59
N GLN B 221 -9.57 -14.33 30.38
CA GLN B 221 -10.87 -13.66 30.36
C GLN B 221 -10.77 -12.25 30.94
N ALA B 222 -9.96 -12.08 32.00
CA ALA B 222 -9.93 -10.79 32.70
C ALA B 222 -9.44 -9.67 31.80
N TYR B 223 -8.28 -9.85 31.16
CA TYR B 223 -7.71 -8.77 30.36
C TYR B 223 -8.56 -8.50 29.13
N ALA B 224 -8.98 -9.55 28.42
CA ALA B 224 -9.76 -9.36 27.20
C ALA B 224 -11.05 -8.60 27.47
N ILE B 225 -11.71 -8.89 28.59
CA ILE B 225 -12.92 -8.14 28.95
C ILE B 225 -12.54 -6.73 29.37
N ALA B 226 -11.55 -6.59 30.23
CA ALA B 226 -11.16 -5.27 30.73
C ALA B 226 -10.63 -4.39 29.60
N SER B 227 -9.86 -4.98 28.69
CA SER B 227 -9.34 -4.20 27.56
C SER B 227 -10.48 -3.74 26.66
N SER B 228 -11.41 -4.64 26.34
CA SER B 228 -12.52 -4.28 25.46
C SER B 228 -13.43 -3.24 26.11
N ILE B 229 -13.67 -3.36 27.41
CA ILE B 229 -14.53 -2.42 28.11
C ILE B 229 -13.88 -1.04 28.15
N VAL B 230 -12.61 -0.99 28.57
CA VAL B 230 -11.93 0.30 28.70
C VAL B 230 -11.69 0.93 27.34
N SER B 231 -11.24 0.13 26.37
CA SER B 231 -10.86 0.70 25.07
C SER B 231 -12.09 1.08 24.25
N PHE B 232 -13.01 0.14 24.06
CA PHE B 232 -14.10 0.30 23.10
C PHE B 232 -15.45 0.52 23.75
N TYR B 233 -15.83 -0.31 24.73
CA TYR B 233 -17.22 -0.32 25.18
C TYR B 233 -17.56 0.93 26.00
N VAL B 234 -16.69 1.30 26.94
CA VAL B 234 -16.95 2.51 27.74
C VAL B 234 -17.05 3.76 26.89
N PRO B 235 -16.14 4.02 25.93
CA PRO B 235 -16.37 5.17 25.04
C PRO B 235 -17.61 5.02 24.18
N LEU B 236 -17.91 3.79 23.74
CA LEU B 236 -19.08 3.59 22.89
C LEU B 236 -20.37 3.92 23.63
N VAL B 237 -20.48 3.49 24.89
CA VAL B 237 -21.66 3.82 25.70
C VAL B 237 -21.81 5.33 25.82
N ILE B 238 -20.69 6.04 25.94
CA ILE B 238 -20.74 7.50 26.02
C ILE B 238 -21.02 8.11 24.64
N MET B 239 -20.31 7.65 23.62
CA MET B 239 -20.47 8.23 22.29
C MET B 239 -21.87 8.00 21.73
N VAL B 240 -22.52 6.91 22.10
CA VAL B 240 -23.88 6.67 21.65
C VAL B 240 -24.85 7.63 22.35
N PHE B 241 -24.72 7.75 23.67
CA PHE B 241 -25.61 8.64 24.41
C PHE B 241 -25.33 10.11 24.11
N VAL B 242 -24.07 10.46 23.84
CA VAL B 242 -23.72 11.85 23.59
C VAL B 242 -24.23 12.29 22.22
N TYR B 243 -23.83 11.58 21.16
CA TYR B 243 -24.19 12.00 19.81
C TYR B 243 -25.69 11.86 19.55
N SER B 244 -26.37 10.95 20.25
CA SER B 244 -27.82 10.93 20.18
C SER B 244 -28.42 12.16 20.85
N ARG B 245 -27.78 12.64 21.92
CA ARG B 245 -28.21 13.89 22.55
C ARG B 245 -27.80 15.11 21.73
N VAL B 246 -26.66 15.03 21.05
CA VAL B 246 -26.24 16.12 20.16
C VAL B 246 -27.19 16.23 18.98
N PHE B 247 -27.54 15.09 18.36
CA PHE B 247 -28.54 15.10 17.30
C PHE B 247 -29.91 15.52 17.83
N GLN B 248 -30.18 15.23 19.11
CA GLN B 248 -31.43 15.68 19.71
C GLN B 248 -31.50 17.20 19.78
N GLU B 249 -30.35 17.87 19.84
CA GLU B 249 -30.35 19.33 19.82
C GLU B 249 -30.68 19.88 18.43
N CYS B 250 -30.36 19.13 17.38
CA CYS B 250 -30.74 19.53 16.04
C CYS B 250 -32.26 19.48 15.90
N LYS B 251 -32.78 20.29 14.97
CA LYS B 251 -34.21 20.57 14.82
C LYS B 251 -34.80 21.22 16.07
N ARG B 252 -33.96 21.61 17.03
CA ARG B 252 -34.35 22.31 18.23
C ARG B 252 -33.38 23.46 18.50
N GLN B 253 -32.74 23.95 17.43
CA GLN B 253 -31.67 24.93 17.58
C GLN B 253 -32.18 26.26 18.11
N LEU B 254 -33.40 26.64 17.74
CA LEU B 254 -33.95 27.92 18.18
C LEU B 254 -34.12 27.96 19.69
N GLN B 255 -34.93 27.04 20.24
CA GLN B 255 -35.20 27.02 21.66
C GLN B 255 -33.96 26.73 22.50
N LYS B 256 -32.89 26.23 21.90
CA LYS B 256 -31.67 25.96 22.64
C LYS B 256 -30.87 27.22 22.91
N ASN B 257 -30.98 28.23 22.04
CA ASN B 257 -30.27 29.49 22.22
C ASN B 257 -31.17 30.62 22.70
N ILE B 258 -32.46 30.60 22.35
CA ILE B 258 -33.39 31.57 22.92
C ILE B 258 -33.45 31.43 24.43
N PHE B 259 -33.33 30.19 24.92
CA PHE B 259 -33.17 29.97 26.36
C PHE B 259 -31.89 30.63 26.87
N GLU B 260 -30.80 30.50 26.12
CA GLU B 260 -29.56 31.16 26.52
C GLU B 260 -29.64 32.67 26.34
N MET B 261 -30.46 33.14 25.40
CA MET B 261 -30.65 34.58 25.24
C MET B 261 -31.29 35.19 26.48
N LEU B 262 -32.44 34.65 26.89
CA LEU B 262 -33.10 35.14 28.10
C LEU B 262 -32.32 34.81 29.36
N ARG B 263 -31.43 33.81 29.31
CA ARG B 263 -30.59 33.51 30.46
C ARG B 263 -29.65 34.66 30.78
N ILE B 264 -29.20 35.39 29.77
CA ILE B 264 -28.29 36.51 30.00
C ILE B 264 -29.04 37.72 30.52
N ASP B 265 -30.21 38.01 29.96
CA ASP B 265 -30.96 39.21 30.34
C ASP B 265 -31.75 38.99 31.62
N GLU B 266 -32.67 38.02 31.61
CA GLU B 266 -33.55 37.82 32.76
C GLU B 266 -32.80 37.24 33.94
N GLY B 267 -31.89 36.32 33.70
CA GLY B 267 -31.20 35.63 34.77
C GLY B 267 -31.77 34.25 35.01
N LEU B 268 -30.92 33.33 35.46
CA LEU B 268 -31.29 31.93 35.65
C LEU B 268 -31.32 31.61 37.13
N ARG B 269 -32.50 31.27 37.64
CA ARG B 269 -32.68 30.79 39.00
C ARG B 269 -33.16 29.35 38.95
N LEU B 270 -32.40 28.45 39.56
CA LEU B 270 -32.70 27.02 39.49
C LEU B 270 -33.48 26.51 40.71
N LYS B 271 -33.55 27.30 41.78
CA LYS B 271 -34.34 26.94 42.95
C LYS B 271 -35.73 27.56 42.82
N ILE B 272 -36.51 27.52 43.91
CA ILE B 272 -37.79 28.20 43.99
C ILE B 272 -37.55 29.59 44.55
N TYR B 273 -38.26 30.58 44.02
CA TYR B 273 -38.09 31.97 44.43
C TYR B 273 -39.35 32.46 45.10
N LYS B 274 -39.23 32.82 46.38
CA LYS B 274 -40.34 33.41 47.15
C LYS B 274 -40.26 34.91 46.97
N ASP B 275 -40.75 35.37 45.82
CA ASP B 275 -40.60 36.78 45.47
C ASP B 275 -41.48 37.67 46.35
N THR B 276 -41.25 38.98 46.25
CA THR B 276 -42.05 39.93 47.00
C THR B 276 -43.45 40.08 46.44
N GLU B 277 -43.66 39.72 45.17
CA GLU B 277 -44.98 39.85 44.56
C GLU B 277 -45.91 38.68 44.89
N GLY B 278 -45.42 37.67 45.62
CA GLY B 278 -46.27 36.57 46.04
C GLY B 278 -46.36 35.43 45.06
N TYR B 279 -45.35 35.24 44.21
CA TYR B 279 -45.35 34.16 43.22
C TYR B 279 -44.10 33.31 43.41
N TYR B 280 -44.09 32.17 42.70
CA TYR B 280 -42.98 31.22 42.75
C TYR B 280 -42.43 31.06 41.34
N THR B 281 -41.15 31.33 41.16
CA THR B 281 -40.49 31.26 39.87
C THR B 281 -39.36 30.26 39.91
N ILE B 282 -39.23 29.47 38.85
CA ILE B 282 -38.15 28.50 38.70
C ILE B 282 -37.70 28.50 37.24
N GLY B 283 -36.44 28.18 37.03
CA GLY B 283 -35.88 28.26 35.69
C GLY B 283 -35.62 29.69 35.28
N ILE B 284 -36.39 30.20 34.33
CA ILE B 284 -36.33 31.60 33.91
C ILE B 284 -37.75 32.15 33.98
N GLY B 285 -38.12 32.71 35.13
CA GLY B 285 -39.41 33.35 35.32
C GLY B 285 -40.62 32.51 34.95
N HIS B 286 -40.66 31.27 35.44
CA HIS B 286 -41.76 30.36 35.15
C HIS B 286 -42.68 30.27 36.37
N LEU B 287 -43.95 30.62 36.19
CA LEU B 287 -44.94 30.54 37.25
C LEU B 287 -45.50 29.13 37.34
N LEU B 288 -45.69 28.66 38.57
CA LEU B 288 -46.15 27.30 38.81
C LEU B 288 -47.54 27.25 39.43
N THR B 289 -47.75 27.91 40.56
CA THR B 289 -48.99 27.80 41.32
C THR B 289 -49.61 29.16 41.56
N LYS B 290 -50.94 29.22 41.43
CA LYS B 290 -51.71 30.38 41.86
C LYS B 290 -52.23 30.19 43.28
N SER B 291 -51.31 29.86 44.19
CA SER B 291 -51.62 29.53 45.57
C SER B 291 -50.46 29.94 46.46
N PRO B 292 -50.72 30.44 47.67
CA PRO B 292 -49.64 30.86 48.57
C PRO B 292 -48.90 29.73 49.25
N SER B 293 -49.30 28.48 49.04
CA SER B 293 -48.65 27.36 49.72
C SER B 293 -47.26 27.13 49.15
N LEU B 294 -46.26 27.12 50.03
CA LEU B 294 -44.89 26.83 49.61
C LEU B 294 -44.74 25.39 49.14
N ASN B 295 -45.48 24.46 49.74
CA ASN B 295 -45.41 23.06 49.31
C ASN B 295 -46.11 22.85 47.97
N ALA B 296 -47.09 23.70 47.64
CA ALA B 296 -47.76 23.59 46.35
C ALA B 296 -46.79 23.85 45.20
N ALA B 297 -45.80 24.72 45.42
CA ALA B 297 -44.80 24.98 44.39
C ALA B 297 -44.05 23.70 44.03
N LYS B 298 -43.60 22.96 45.04
CA LYS B 298 -42.93 21.69 44.78
C LYS B 298 -43.89 20.64 44.22
N SER B 299 -45.18 20.75 44.55
CA SER B 299 -46.14 19.76 44.08
C SER B 299 -46.38 19.88 42.58
N GLU B 300 -46.70 21.10 42.11
CA GLU B 300 -46.86 21.30 40.67
C GLU B 300 -45.54 21.18 39.92
N LEU B 301 -44.42 21.45 40.59
CA LEU B 301 -43.12 21.27 39.97
C LEU B 301 -42.85 19.81 39.64
N ASP B 302 -43.18 18.90 40.57
CA ASP B 302 -43.01 17.49 40.32
C ASP B 302 -43.91 16.98 39.21
N LYS B 303 -45.01 17.68 38.93
CA LYS B 303 -45.89 17.30 37.84
C LYS B 303 -45.25 17.58 36.48
N ALA B 304 -44.80 18.82 36.28
CA ALA B 304 -44.20 19.19 35.00
C ALA B 304 -42.87 18.50 34.77
N ILE B 305 -42.09 18.29 35.83
CA ILE B 305 -40.80 17.63 35.69
C ILE B 305 -40.99 16.12 35.54
N GLY B 306 -41.65 15.50 36.50
CA GLY B 306 -41.91 14.08 36.47
C GLY B 306 -41.18 13.25 37.52
N ARG B 307 -40.49 13.89 38.46
CA ARG B 307 -39.76 13.19 39.50
C ARG B 307 -39.94 13.95 40.81
N ASN B 308 -39.21 13.53 41.84
CA ASN B 308 -39.24 14.18 43.15
C ASN B 308 -38.19 15.28 43.15
N THR B 309 -38.62 16.50 42.78
CA THR B 309 -37.70 17.64 42.74
C THR B 309 -37.49 18.23 44.12
N ASN B 310 -38.58 18.51 44.83
CA ASN B 310 -38.53 19.08 46.18
C ASN B 310 -37.77 20.40 46.20
N GLY B 311 -38.10 21.27 45.25
CA GLY B 311 -37.58 22.62 45.22
C GLY B 311 -36.38 22.85 44.32
N VAL B 312 -35.73 21.80 43.84
CA VAL B 312 -34.53 21.92 43.01
C VAL B 312 -34.71 21.05 41.77
N ILE B 313 -34.38 21.62 40.61
CA ILE B 313 -34.35 20.89 39.34
C ILE B 313 -32.99 21.10 38.70
N THR B 314 -32.83 20.55 37.50
CA THR B 314 -31.58 20.68 36.76
C THR B 314 -31.74 21.70 35.63
N LYS B 315 -30.60 22.05 35.02
CA LYS B 315 -30.63 23.02 33.92
C LYS B 315 -31.37 22.46 32.71
N ASP B 316 -31.20 21.17 32.43
CA ASP B 316 -31.92 20.56 31.31
C ASP B 316 -33.43 20.55 31.58
N GLU B 317 -33.82 20.24 32.82
CA GLU B 317 -35.24 20.27 33.16
C GLU B 317 -35.79 21.69 33.14
N ALA B 318 -34.98 22.67 33.58
CA ALA B 318 -35.40 24.07 33.48
C ALA B 318 -35.47 24.52 32.03
N GLU B 319 -34.63 23.95 31.16
CA GLU B 319 -34.71 24.29 29.74
C GLU B 319 -35.95 23.69 29.09
N LYS B 320 -36.38 22.50 29.54
CA LYS B 320 -37.59 21.89 29.01
C LYS B 320 -38.84 22.64 29.45
N LEU B 321 -38.83 23.18 30.68
CA LEU B 321 -39.92 24.02 31.12
C LEU B 321 -39.99 25.31 30.31
N PHE B 322 -38.83 25.87 29.97
CA PHE B 322 -38.79 27.08 29.17
C PHE B 322 -39.42 26.88 27.80
N ASN B 323 -39.28 25.68 27.23
CA ASN B 323 -39.86 25.40 25.92
C ASN B 323 -41.38 25.42 25.96
N GLN B 324 -41.96 25.00 27.09
CA GLN B 324 -43.42 25.05 27.22
C GLN B 324 -43.93 26.48 27.30
N ASP B 325 -43.12 27.40 27.83
CA ASP B 325 -43.51 28.80 27.86
C ASP B 325 -43.35 29.46 26.49
N VAL B 326 -42.39 28.99 25.68
CA VAL B 326 -42.21 29.55 24.34
C VAL B 326 -43.38 29.17 23.45
N ASP B 327 -43.79 27.89 23.50
CA ASP B 327 -44.92 27.45 22.69
C ASP B 327 -46.19 28.19 23.06
N ALA B 328 -46.34 28.58 24.33
CA ALA B 328 -47.47 29.41 24.74
C ALA B 328 -47.27 30.88 24.38
N ALA B 329 -46.02 31.32 24.23
CA ALA B 329 -45.76 32.71 23.85
C ALA B 329 -45.85 32.90 22.34
N VAL B 330 -45.27 31.98 21.57
CA VAL B 330 -45.34 32.08 20.11
C VAL B 330 -46.77 31.91 19.63
N ARG B 331 -47.56 31.07 20.30
CA ARG B 331 -48.96 30.91 19.93
C ARG B 331 -49.74 32.20 20.15
N GLY B 332 -49.44 32.92 21.24
CA GLY B 332 -50.07 34.20 21.46
C GLY B 332 -49.66 35.25 20.45
N ILE B 333 -48.46 35.09 19.86
CA ILE B 333 -48.03 35.99 18.79
C ILE B 333 -48.97 35.86 17.59
N LEU B 334 -49.26 34.62 17.18
CA LEU B 334 -50.05 34.41 15.97
C LEU B 334 -51.51 34.78 16.19
N ARG B 335 -52.04 34.52 17.39
CA ARG B 335 -53.43 34.88 17.68
C ARG B 335 -53.61 36.39 17.65
N ASN B 336 -52.61 37.14 18.10
CA ASN B 336 -52.65 38.59 18.05
C ASN B 336 -52.54 39.06 16.61
N ALA B 337 -53.52 39.85 16.16
CA ALA B 337 -53.54 40.28 14.77
C ALA B 337 -52.40 41.24 14.46
N LYS B 338 -52.03 42.09 15.42
CA LYS B 338 -51.00 43.08 15.17
C LYS B 338 -49.62 42.44 15.02
N LEU B 339 -49.33 41.41 15.81
CA LEU B 339 -48.00 40.80 15.84
C LEU B 339 -47.78 39.76 14.75
N LYS B 340 -48.84 39.12 14.26
CA LYS B 340 -48.70 38.07 13.25
C LYS B 340 -47.91 38.50 12.01
N PRO B 341 -48.21 39.61 11.34
CA PRO B 341 -47.45 39.96 10.13
C PRO B 341 -45.99 40.25 10.41
N VAL B 342 -45.69 40.92 11.52
CA VAL B 342 -44.30 41.20 11.88
C VAL B 342 -43.55 39.90 12.13
N TYR B 343 -44.20 38.94 12.79
CA TYR B 343 -43.53 37.68 13.12
C TYR B 343 -43.14 36.92 11.87
N ASP B 344 -43.99 36.92 10.86
CA ASP B 344 -43.67 36.24 9.61
C ASP B 344 -42.54 36.97 8.87
N SER B 345 -42.64 38.30 8.79
CA SER B 345 -41.66 39.08 8.03
C SER B 345 -40.28 39.03 8.66
N LEU B 346 -40.16 38.59 9.90
CA LEU B 346 -38.86 38.48 10.55
C LEU B 346 -38.24 37.10 10.27
N ASP B 347 -36.92 37.04 10.37
CA ASP B 347 -36.18 35.82 10.16
C ASP B 347 -36.04 35.07 11.48
N ALA B 348 -35.20 34.04 11.51
CA ALA B 348 -35.09 33.19 12.69
C ALA B 348 -34.51 33.95 13.89
N VAL B 349 -33.52 34.81 13.66
CA VAL B 349 -32.85 35.48 14.76
C VAL B 349 -33.70 36.62 15.31
N ARG B 350 -34.29 37.43 14.42
CA ARG B 350 -35.06 38.58 14.87
C ARG B 350 -36.36 38.16 15.54
N ARG B 351 -36.89 36.98 15.20
CA ARG B 351 -38.05 36.47 15.91
C ARG B 351 -37.74 36.22 17.37
N ALA B 352 -36.51 35.79 17.68
CA ALA B 352 -36.11 35.63 19.08
C ALA B 352 -36.05 36.98 19.78
N ALA B 353 -35.60 38.03 19.07
CA ALA B 353 -35.59 39.36 19.65
C ALA B 353 -37.00 39.88 19.89
N LEU B 354 -37.96 39.49 19.04
CA LEU B 354 -39.35 39.85 19.27
C LEU B 354 -39.89 39.15 20.50
N ILE B 355 -39.61 37.85 20.64
CA ILE B 355 -40.03 37.11 21.82
C ILE B 355 -39.30 37.62 23.07
N ASN B 356 -38.07 38.11 22.90
CA ASN B 356 -37.34 38.70 24.03
C ASN B 356 -38.11 39.87 24.63
N MET B 357 -38.83 40.63 23.79
CA MET B 357 -39.62 41.75 24.28
C MET B 357 -40.96 41.29 24.85
N VAL B 358 -41.52 40.20 24.31
CA VAL B 358 -42.79 39.69 24.82
C VAL B 358 -42.61 39.10 26.21
N PHE B 359 -41.49 38.41 26.45
CA PHE B 359 -41.21 37.89 27.78
C PHE B 359 -41.01 38.98 28.82
N GLN B 360 -40.74 40.21 28.38
CA GLN B 360 -40.52 41.33 29.28
C GLN B 360 -41.75 42.21 29.44
N MET B 361 -42.32 42.69 28.33
CA MET B 361 -43.45 43.62 28.39
C MET B 361 -44.79 42.96 28.11
N GLY B 362 -44.82 41.88 27.35
CA GLY B 362 -46.05 41.20 27.02
C GLY B 362 -46.47 41.45 25.57
N GLU B 363 -47.52 40.72 25.18
CA GLU B 363 -48.02 40.85 23.81
C GLU B 363 -48.58 42.24 23.54
N THR B 364 -49.26 42.82 24.54
CA THR B 364 -49.81 44.17 24.36
C THR B 364 -48.71 45.22 24.42
N GLY B 365 -47.68 45.02 25.24
CA GLY B 365 -46.62 46.00 25.34
C GLY B 365 -45.80 46.11 24.07
N VAL B 366 -45.50 44.98 23.43
CA VAL B 366 -44.75 45.01 22.18
C VAL B 366 -45.57 45.65 21.07
N ALA B 367 -46.88 45.39 21.07
CA ALA B 367 -47.75 45.97 20.06
C ALA B 367 -47.87 47.49 20.15
N GLY B 368 -47.41 48.09 21.25
CA GLY B 368 -47.46 49.53 21.38
C GLY B 368 -46.55 50.25 20.41
N PHE B 369 -45.45 49.60 20.01
CA PHE B 369 -44.49 50.18 19.05
C PHE B 369 -45.01 49.93 17.64
N THR B 370 -46.11 50.60 17.31
CA THR B 370 -46.72 50.42 16.00
C THR B 370 -45.78 50.88 14.91
N ASN B 371 -45.13 52.02 15.09
CA ASN B 371 -44.16 52.49 14.11
C ASN B 371 -43.01 51.49 13.96
N SER B 372 -42.47 51.04 15.08
CA SER B 372 -41.37 50.08 15.03
C SER B 372 -41.83 48.76 14.41
N LEU B 373 -43.05 48.34 14.71
CA LEU B 373 -43.57 47.12 14.08
C LEU B 373 -43.71 47.30 12.58
N ARG B 374 -44.23 48.45 12.15
CA ARG B 374 -44.37 48.72 10.72
C ARG B 374 -43.01 48.72 10.03
N MET B 375 -41.98 49.26 10.70
CA MET B 375 -40.65 49.25 10.11
C MET B 375 -40.12 47.82 9.97
N LEU B 376 -40.37 46.99 10.98
CA LEU B 376 -39.92 45.60 10.91
C LEU B 376 -40.62 44.85 9.80
N GLN B 377 -41.94 45.03 9.67
CA GLN B 377 -42.66 44.34 8.61
C GLN B 377 -42.15 44.74 7.23
N GLN B 378 -41.76 46.01 7.09
CA GLN B 378 -41.16 46.51 5.85
C GLN B 378 -39.66 46.28 5.80
N LYS B 379 -39.10 45.58 6.79
CA LYS B 379 -37.68 45.22 6.82
C LYS B 379 -36.77 46.44 6.82
N ARG B 380 -37.21 47.53 7.46
CA ARG B 380 -36.38 48.72 7.64
C ARG B 380 -35.63 48.56 8.96
N TRP B 381 -34.43 47.98 8.88
CA TRP B 381 -33.72 47.60 10.09
C TRP B 381 -33.13 48.81 10.80
N ASP B 382 -32.30 49.59 10.09
CA ASP B 382 -31.63 50.73 10.71
C ASP B 382 -32.64 51.77 11.20
N GLU B 383 -33.77 51.91 10.51
CA GLU B 383 -34.79 52.85 10.95
C GLU B 383 -35.48 52.35 12.22
N ALA B 384 -35.78 51.06 12.29
CA ALA B 384 -36.42 50.52 13.47
C ALA B 384 -35.48 50.49 14.67
N ALA B 385 -34.17 50.42 14.43
CA ALA B 385 -33.20 50.47 15.52
C ALA B 385 -33.19 51.82 16.23
N VAL B 386 -33.67 52.88 15.56
CA VAL B 386 -33.67 54.21 16.17
C VAL B 386 -34.89 54.42 17.03
N ASN B 387 -36.07 54.03 16.54
CA ASN B 387 -37.31 54.25 17.30
C ASN B 387 -37.30 53.47 18.61
N LEU B 388 -36.75 52.25 18.60
CA LEU B 388 -36.68 51.46 19.82
C LEU B 388 -35.77 52.11 20.86
N ALA B 389 -34.75 52.85 20.42
CA ALA B 389 -33.88 53.56 21.34
C ALA B 389 -34.52 54.85 21.86
N LYS B 390 -35.52 55.38 21.17
CA LYS B 390 -36.17 56.61 21.61
C LYS B 390 -37.28 56.34 22.61
N SER B 391 -37.89 55.16 22.57
CA SER B 391 -39.03 54.85 23.40
C SER B 391 -38.61 54.62 24.85
N ARG B 392 -39.60 54.39 25.72
CA ARG B 392 -39.34 54.13 27.13
C ARG B 392 -38.72 52.77 27.37
N TRP B 393 -38.90 51.82 26.45
CA TRP B 393 -38.33 50.49 26.59
C TRP B 393 -36.81 50.52 26.64
N TYR B 394 -36.17 51.54 26.06
CA TYR B 394 -34.73 51.70 26.13
C TYR B 394 -34.28 52.57 27.30
N ASN B 395 -35.15 53.47 27.77
CA ASN B 395 -34.74 54.38 28.84
C ASN B 395 -34.68 53.68 30.19
N GLN B 396 -35.60 52.75 30.46
CA GLN B 396 -35.65 52.08 31.75
C GLN B 396 -34.75 50.85 31.82
N THR B 397 -34.53 50.17 30.69
CA THR B 397 -33.63 49.02 30.61
C THR B 397 -32.71 49.24 29.41
N PRO B 398 -31.64 50.02 29.58
CA PRO B 398 -30.80 50.35 28.42
C PRO B 398 -29.93 49.20 27.95
N ASN B 399 -29.40 48.40 28.87
CA ASN B 399 -28.48 47.32 28.48
C ASN B 399 -29.21 46.20 27.76
N ARG B 400 -30.39 45.80 28.26
CA ARG B 400 -31.12 44.72 27.62
C ARG B 400 -31.70 45.15 26.28
N ALA B 401 -32.28 46.36 26.22
CA ALA B 401 -32.88 46.83 24.97
C ALA B 401 -31.83 47.01 23.88
N LYS B 402 -30.63 47.45 24.25
CA LYS B 402 -29.58 47.66 23.26
C LYS B 402 -29.21 46.37 22.56
N ARG B 403 -29.12 45.27 23.31
CA ARG B 403 -28.78 43.98 22.69
C ARG B 403 -29.92 43.45 21.84
N VAL B 404 -31.18 43.71 22.23
CA VAL B 404 -32.31 43.30 21.41
C VAL B 404 -32.37 44.13 20.13
N ILE B 405 -32.05 45.43 20.23
CA ILE B 405 -32.00 46.28 19.04
C ILE B 405 -30.93 45.80 18.08
N THR B 406 -29.77 45.39 18.62
CA THR B 406 -28.68 44.91 17.77
C THR B 406 -29.10 43.69 16.98
N THR B 407 -29.84 42.77 17.62
CA THR B 407 -30.33 41.59 16.92
C THR B 407 -31.38 41.92 15.87
N PHE B 408 -32.04 43.08 15.99
CA PHE B 408 -33.00 43.49 14.97
C PHE B 408 -32.30 44.13 13.76
N ARG B 409 -31.28 44.95 14.01
CA ARG B 409 -30.60 45.62 12.91
C ARG B 409 -29.81 44.65 12.05
N THR B 410 -28.93 43.86 12.68
CA THR B 410 -28.06 42.96 11.93
C THR B 410 -28.69 41.61 11.63
N GLY B 411 -29.70 41.20 12.40
CA GLY B 411 -30.25 39.87 12.23
C GLY B 411 -29.33 38.74 12.60
N THR B 412 -28.25 39.03 13.31
CA THR B 412 -27.28 38.04 13.74
C THR B 412 -27.27 37.97 15.27
N TRP B 413 -26.36 37.17 15.80
CA TRP B 413 -26.21 37.02 17.25
C TRP B 413 -25.02 37.81 17.80
N ASP B 414 -24.59 38.87 17.10
CA ASP B 414 -23.48 39.68 17.61
C ASP B 414 -23.99 40.71 18.60
N ALA B 415 -24.75 40.26 19.59
CA ALA B 415 -25.22 41.03 20.72
C ALA B 415 -25.03 40.27 22.02
N TYR B 416 -25.21 38.95 22.00
CA TYR B 416 -24.92 38.07 23.11
C TYR B 416 -23.73 37.21 22.71
N ASP B 417 -22.58 37.44 23.35
CA ASP B 417 -21.34 36.80 22.92
C ASP B 417 -21.37 35.29 23.12
N ILE B 418 -22.09 34.81 24.13
CA ILE B 418 -22.07 33.37 24.43
C ILE B 418 -22.74 32.58 23.32
N ILE B 419 -23.86 33.06 22.80
CA ILE B 419 -24.57 32.33 21.75
C ILE B 419 -23.80 32.38 20.44
N GLN B 420 -23.07 33.48 20.18
CA GLN B 420 -22.33 33.60 18.94
C GLN B 420 -21.26 32.52 18.82
N ARG B 421 -20.54 32.24 19.91
CA ARG B 421 -19.58 31.16 19.90
C ARG B 421 -20.27 29.80 19.82
N MET B 422 -21.41 29.66 20.50
CA MET B 422 -22.18 28.42 20.45
C MET B 422 -22.78 28.19 19.07
N HIS B 423 -23.13 29.27 18.36
CA HIS B 423 -23.73 29.13 17.03
C HIS B 423 -22.78 28.44 16.06
N LEU B 424 -21.47 28.62 16.23
CA LEU B 424 -20.52 27.97 15.34
C LEU B 424 -20.44 26.47 15.61
N ARG B 425 -20.50 26.08 16.90
CA ARG B 425 -20.48 24.66 17.23
C ARG B 425 -21.76 23.96 16.79
N GLN B 426 -22.88 24.70 16.75
CA GLN B 426 -24.13 24.11 16.26
C GLN B 426 -24.07 23.86 14.76
N TYR B 427 -23.39 24.74 14.02
CA TYR B 427 -23.28 24.60 12.57
C TYR B 427 -22.34 23.49 12.16
N GLU B 428 -21.32 23.19 12.98
CA GLU B 428 -20.38 22.13 12.63
C GLU B 428 -21.01 20.75 12.74
N LEU B 429 -22.00 20.59 13.61
CA LEU B 429 -22.60 19.28 13.87
C LEU B 429 -23.97 19.13 13.23
N CYS B 430 -24.91 20.04 13.54
CA CYS B 430 -26.23 19.97 12.94
C CYS B 430 -26.21 20.45 11.50
N GLY B 431 -25.63 21.62 11.26
CA GLY B 431 -25.54 22.15 9.91
C GLY B 431 -26.67 23.11 9.57
N THR B 432 -27.12 23.08 8.32
CA THR B 432 -28.20 23.96 7.88
C THR B 432 -29.58 23.40 8.19
N GLY B 433 -29.75 22.09 8.11
CA GLY B 433 -31.04 21.49 8.37
C GLY B 433 -30.92 20.05 8.78
N GLU B 434 -32.05 19.34 8.70
CA GLU B 434 -32.07 17.94 9.10
C GLU B 434 -31.34 17.05 8.10
N HIS B 435 -31.32 17.44 6.82
CA HIS B 435 -30.63 16.65 5.81
C HIS B 435 -29.14 16.54 6.10
N LYS B 436 -28.55 17.58 6.67
CA LYS B 436 -27.14 17.55 7.06
C LYS B 436 -26.92 17.00 8.46
N ALA B 437 -27.97 16.97 9.30
CA ALA B 437 -27.82 16.45 10.65
C ALA B 437 -27.54 14.96 10.64
N LEU B 438 -28.44 14.17 10.06
CA LEU B 438 -28.24 12.73 9.95
C LEU B 438 -27.11 12.37 8.98
N LYS B 439 -26.61 13.33 8.21
CA LYS B 439 -25.54 13.06 7.26
C LYS B 439 -24.16 13.25 7.89
N THR B 440 -23.99 14.30 8.70
CA THR B 440 -22.70 14.52 9.35
C THR B 440 -22.50 13.54 10.50
N LEU B 441 -23.51 13.38 11.36
CA LEU B 441 -23.39 12.42 12.45
C LEU B 441 -23.44 10.98 11.96
N GLY B 442 -23.97 10.74 10.76
CA GLY B 442 -23.99 9.40 10.22
C GLY B 442 -22.60 8.91 9.84
N ILE B 443 -21.80 9.78 9.21
CA ILE B 443 -20.45 9.40 8.83
C ILE B 443 -19.46 9.47 9.98
N ILE B 444 -19.85 10.07 11.11
CA ILE B 444 -18.97 10.10 12.28
C ILE B 444 -19.13 8.82 13.09
N MET B 445 -20.37 8.41 13.34
CA MET B 445 -20.60 7.18 14.09
C MET B 445 -20.57 5.95 13.19
N GLY B 446 -21.04 6.07 11.95
CA GLY B 446 -21.02 4.93 11.04
C GLY B 446 -19.61 4.44 10.74
N THR B 447 -18.69 5.37 10.50
CA THR B 447 -17.30 4.97 10.25
C THR B 447 -16.64 4.41 11.50
N PHE B 448 -16.92 5.02 12.66
CA PHE B 448 -16.33 4.54 13.91
C PHE B 448 -16.83 3.16 14.27
N THR B 449 -18.15 2.93 14.16
CA THR B 449 -18.70 1.64 14.55
C THR B 449 -18.30 0.55 13.58
N LEU B 450 -18.57 0.74 12.28
CA LEU B 450 -18.31 -0.30 11.30
C LEU B 450 -16.84 -0.66 11.17
N CYS B 451 -15.94 0.03 11.86
CA CYS B 451 -14.51 -0.29 11.83
C CYS B 451 -14.04 -1.01 13.09
N TRP B 452 -14.61 -0.71 14.26
CA TRP B 452 -14.19 -1.32 15.51
C TRP B 452 -15.23 -2.22 16.15
N LEU B 453 -16.51 -1.99 15.88
CA LEU B 453 -17.54 -2.85 16.47
C LEU B 453 -17.46 -4.30 15.98
N PRO B 454 -17.26 -4.60 14.70
CA PRO B 454 -17.14 -6.01 14.29
C PRO B 454 -15.98 -6.74 14.94
N PHE B 455 -14.93 -6.03 15.34
CA PHE B 455 -13.78 -6.70 15.95
C PHE B 455 -14.00 -6.98 17.44
N PHE B 456 -14.39 -5.95 18.20
CA PHE B 456 -14.51 -6.12 19.64
C PHE B 456 -15.65 -7.06 20.01
N ILE B 457 -16.68 -7.17 19.17
CA ILE B 457 -17.72 -8.18 19.38
C ILE B 457 -17.14 -9.58 19.22
N VAL B 458 -16.35 -9.78 18.15
CA VAL B 458 -15.70 -11.06 17.94
C VAL B 458 -14.67 -11.32 19.04
N ASN B 459 -14.01 -10.27 19.53
CA ASN B 459 -13.03 -10.44 20.60
C ASN B 459 -13.68 -11.02 21.86
N ILE B 460 -14.86 -10.52 22.22
CA ILE B 460 -15.56 -11.07 23.38
C ILE B 460 -16.06 -12.48 23.09
N VAL B 461 -16.53 -12.71 21.86
CA VAL B 461 -17.00 -14.05 21.48
C VAL B 461 -15.85 -15.05 21.48
N HIS B 462 -14.67 -14.61 21.00
CA HIS B 462 -13.52 -15.51 20.92
C HIS B 462 -13.03 -15.95 22.29
N VAL B 463 -13.33 -15.18 23.35
CA VAL B 463 -12.89 -15.51 24.69
C VAL B 463 -13.97 -16.25 25.47
N ILE B 464 -15.24 -15.91 25.25
CA ILE B 464 -16.33 -16.61 25.93
C ILE B 464 -16.35 -18.08 25.51
N GLN B 465 -16.38 -18.34 24.22
CA GLN B 465 -16.30 -19.69 23.67
C GLN B 465 -14.97 -19.85 22.95
N ASP B 466 -14.34 -21.01 23.14
CA ASP B 466 -12.99 -21.24 22.65
C ASP B 466 -12.99 -21.34 21.13
N ASN B 467 -12.35 -20.36 20.47
CA ASN B 467 -12.01 -20.42 19.05
C ASN B 467 -13.25 -20.61 18.18
N LEU B 468 -14.12 -19.60 18.21
CA LEU B 468 -15.29 -19.58 17.34
C LEU B 468 -15.01 -18.98 15.97
N ILE B 469 -13.85 -18.34 15.79
CA ILE B 469 -13.48 -17.72 14.52
C ILE B 469 -12.06 -18.15 14.16
N ARG B 470 -11.76 -18.09 12.87
CA ARG B 470 -10.45 -18.48 12.38
C ARG B 470 -9.45 -17.33 12.57
N LYS B 471 -8.16 -17.66 12.40
CA LYS B 471 -7.12 -16.65 12.53
C LYS B 471 -7.17 -15.65 11.37
N GLU B 472 -7.58 -16.10 10.18
CA GLU B 472 -7.66 -15.19 9.04
C GLU B 472 -8.74 -14.14 9.24
N VAL B 473 -9.83 -14.49 9.94
CA VAL B 473 -10.87 -13.51 10.20
C VAL B 473 -10.46 -12.55 11.31
N TYR B 474 -9.67 -13.02 12.28
CA TYR B 474 -9.29 -12.18 13.41
C TYR B 474 -8.32 -11.08 12.97
N ILE B 475 -7.41 -11.40 12.04
CA ILE B 475 -6.46 -10.39 11.59
C ILE B 475 -7.12 -9.37 10.70
N LEU B 476 -8.11 -9.78 9.90
CA LEU B 476 -8.79 -8.84 9.01
C LEU B 476 -9.68 -7.89 9.80
N LEU B 477 -10.43 -8.42 10.77
CA LEU B 477 -11.33 -7.57 11.56
C LEU B 477 -10.56 -6.59 12.43
N ASN B 478 -9.35 -6.97 12.88
CA ASN B 478 -8.53 -6.01 13.60
C ASN B 478 -8.01 -4.97 12.66
N TRP B 479 -7.57 -5.39 11.47
CA TRP B 479 -7.06 -4.45 10.47
C TRP B 479 -8.12 -3.46 10.03
N ILE B 480 -9.39 -3.85 10.02
CA ILE B 480 -10.46 -2.91 9.67
C ILE B 480 -10.47 -1.75 10.64
N GLY B 481 -10.18 -2.01 11.92
CA GLY B 481 -10.04 -0.92 12.88
C GLY B 481 -8.84 -0.05 12.61
N TYR B 482 -7.75 -0.62 12.07
CA TYR B 482 -6.58 0.18 11.73
C TYR B 482 -6.91 1.23 10.68
N VAL B 483 -7.81 0.90 9.74
CA VAL B 483 -8.17 1.84 8.70
C VAL B 483 -8.91 3.05 9.27
N ASN B 484 -9.61 2.87 10.38
CA ASN B 484 -10.31 4.00 11.01
C ASN B 484 -9.35 5.09 11.44
N SER B 485 -8.12 4.72 11.82
CA SER B 485 -7.12 5.72 12.18
C SER B 485 -6.75 6.62 11.00
N GLY B 486 -6.93 6.13 9.76
CA GLY B 486 -6.66 6.94 8.60
C GLY B 486 -7.86 7.73 8.14
N PHE B 487 -9.06 7.31 8.57
CA PHE B 487 -10.28 8.02 8.22
C PHE B 487 -10.57 9.20 9.13
N ASN B 488 -10.04 9.19 10.36
CA ASN B 488 -10.27 10.30 11.27
C ASN B 488 -9.83 11.66 10.73
N PRO B 489 -8.70 11.80 10.02
CA PRO B 489 -8.36 13.11 9.45
C PRO B 489 -9.38 13.65 8.48
N LEU B 490 -10.20 12.79 7.86
CA LEU B 490 -11.23 13.23 6.92
C LEU B 490 -12.61 13.30 7.56
N ILE B 491 -12.74 13.03 8.85
CA ILE B 491 -14.02 13.05 9.54
C ILE B 491 -14.20 14.35 10.33
N TYR B 492 -13.17 14.76 11.07
CA TYR B 492 -13.27 15.91 11.95
C TYR B 492 -12.62 17.18 11.39
N CYS B 493 -11.71 17.04 10.42
CA CYS B 493 -11.02 18.19 9.84
C CYS B 493 -11.74 18.76 8.64
N ARG B 494 -13.06 18.58 8.54
CA ARG B 494 -13.84 19.18 7.47
C ARG B 494 -14.25 20.61 7.76
N SER B 495 -13.68 21.22 8.81
CA SER B 495 -14.02 22.58 9.15
C SER B 495 -13.48 23.54 8.09
N PRO B 496 -14.16 24.68 7.87
CA PRO B 496 -13.66 25.65 6.89
C PRO B 496 -12.25 26.15 7.19
N ASP B 497 -11.91 26.33 8.46
CA ASP B 497 -10.56 26.76 8.81
C ASP B 497 -9.55 25.64 8.65
N PHE B 498 -9.99 24.38 8.58
CA PHE B 498 -9.09 23.25 8.36
C PHE B 498 -8.81 23.00 6.89
N ARG B 499 -9.83 23.14 6.03
CA ARG B 499 -9.62 22.89 4.61
C ARG B 499 -8.70 23.93 3.99
N ILE B 500 -8.82 25.19 4.39
CA ILE B 500 -7.93 26.23 3.89
C ILE B 500 -6.50 25.97 4.36
N ALA B 501 -6.34 25.48 5.59
CA ALA B 501 -5.01 25.14 6.08
C ALA B 501 -4.40 23.99 5.30
N PHE B 502 -5.21 23.03 4.86
CA PHE B 502 -4.69 21.92 4.06
C PHE B 502 -4.30 22.39 2.66
N GLN B 503 -5.17 23.17 2.02
CA GLN B 503 -4.87 23.65 0.66
C GLN B 503 -3.65 24.56 0.65
N GLU B 504 -3.40 25.28 1.76
CA GLU B 504 -2.21 26.12 1.83
C GLU B 504 -0.93 25.29 1.88
N LEU B 505 -0.99 24.13 2.54
CA LEU B 505 0.18 23.26 2.65
C LEU B 505 0.28 22.25 1.51
N LEU B 506 -0.79 22.02 0.76
CA LEU B 506 -0.78 21.09 -0.36
C LEU B 506 -0.58 21.79 -1.70
N CYS B 507 -0.03 23.00 -1.69
CA CYS B 507 0.30 23.74 -2.90
C CYS B 507 -0.93 23.99 -3.77
N LEU B 508 -2.01 24.43 -3.13
CA LEU B 508 -3.25 24.74 -3.82
C LEU B 508 -3.71 26.17 -3.57
N ARG B 509 -2.89 27.00 -2.93
CA ARG B 509 -3.25 28.38 -2.65
C ARG B 509 -2.01 29.25 -2.48
#